data_1QLN
#
_entry.id   1QLN
#
_cell.length_a   221.200
_cell.length_b   73.600
_cell.length_c   80.900
_cell.angle_alpha   90.00
_cell.angle_beta   90.00
_cell.angle_gamma   90.00
#
_symmetry.space_group_name_H-M   'P 21 21 2'
#
loop_
_entity.id
_entity.type
_entity.pdbx_description
1 polymer 'BACTERIOPHAGE T7 RNA POLYMERASE'
2 polymer 'DNA (5-D(P*TP*AP*AP*TP*AP*CP*GP*AP*CP*TP*CP*AP*CP*TP*A)-3)'
3 polymer 'RNA (5- R(PPP*GP*GP*G)-3)'
4 polymer 'DNA (5- D (P*CP*TP*CP*CP*CP*TP*AP*TP*AP*GP*TP*GP*AP*GP*TP*CP*GP*TP* AP*TP*TP*A)-3)'
5 water water
#
loop_
_entity_poly.entity_id
_entity_poly.type
_entity_poly.pdbx_seq_one_letter_code
_entity_poly.pdbx_strand_id
1 'polypeptide(L)'
;MNTINIAKNDFSDIELAAIPFNTLADHYGERLAREQLALEHESYEMGEARFRKMFERQLKAGEVADNAAAKPLITTLLPK
MIARINDWFEEVKAKRGKRPTAFQFLQEIKPEAVAYITIKTTLACLTSADNTTVQAVASAIGRAIEDEARFGRIRDLEAK
HFKKNVEEQLNKRVGHVYKKAFMQVVEADMLSKGLLGGEAWSSWHKEDSIHVGVRCIEMLIESTGMVSLHRQNAGVVGQD
SETIELAPEYAEAIATRAGALAGISPMFQPCVVPPKPWTGITGGGYWANGRRPLALVRTHSKKALMRYEDVYMPEVYKAI
NIAQNTAWKINKKVLAVANVITKWKHCPVEDIPAIEREELPMKPEDIDMNPEALTAWKRAAAAVYRKDKARKSRRISLEF
MLEQANKFANHKAIWFPYNMDWRGRVYAVSMFNPQGNDMTKGLLTLAKGKPIGKEGYYWLKIHGANCAGVDKVPFPERIK
FIEENHENIMACAKSPLENTWWAEQDSPFCFLAFCFEYAGVQHHGLSYNCSLPLAFDGSCSGIQHFSAMLRDEVGGRAVN
LLPSETVQDIYGIVAKKVNEILQADAINGTDNEVVTVTDENTGEISEKVKLGTKALAGQWLAYGVTRSVTKRSVMTLAYG
SKEFGFRQQVLEDTIQPAIDSGKGLMFTQPNQAAGYMAKLIWESVSVTVVAAVEAMNWLKSAAKLLAAEVKDKKTGEILR
KRCAVHWVTPDGFPVWQEYKKPIQTRLNLMFLGQFRLQPTINTNKDSEIDAHKQESGIAPNFVHSQDGSHLRKTVVWAHE
KYGIESFALIHDSFGTIPADAANLFKAVRETMVDTYESCDVLADFYDQFADQLHESQLDKMPALPAKGNLNLRDILESDF
AFA
;
A
2 'polydeoxyribonucleotide' (DT)(DA)(DA)(DT)(DA)(DC)(DG)(DA)(DC)(DT)(DC)(DA)(DC)(DT)(DA)(DT)(DA) N
3 'polyribonucleotide' (GTP)GG R
4 'polydeoxyribonucleotide'
;(DC)(DT)(DC)(DC)(DC)(DT)(DA)(DT)(DA)(DG)(DT)(DG)(DA)(DG)(DT)(DC)(DG)(DT)(DA)(DT)
(DT)(DA)
;
T
#
loop_
_chem_comp.id
_chem_comp.type
_chem_comp.name
_chem_comp.formula
DA DNA linking 2'-DEOXYADENOSINE-5'-MONOPHOSPHATE 'C10 H14 N5 O6 P'
DC DNA linking 2'-DEOXYCYTIDINE-5'-MONOPHOSPHATE 'C9 H14 N3 O7 P'
DG DNA linking 2'-DEOXYGUANOSINE-5'-MONOPHOSPHATE 'C10 H14 N5 O7 P'
DT DNA linking THYMIDINE-5'-MONOPHOSPHATE 'C10 H15 N2 O8 P'
G RNA linking GUANOSINE-5'-MONOPHOSPHATE 'C10 H14 N5 O8 P'
GTP non-polymer GUANOSINE-5'-TRIPHOSPHATE 'C10 H16 N5 O14 P3'
#
# COMPACT_ATOMS: atom_id res chain seq x y z
N ILE A 6 17.11 -30.42 -3.46
CA ILE A 6 16.25 -29.31 -2.91
C ILE A 6 16.86 -28.73 -1.64
N ALA A 7 17.12 -27.42 -1.65
CA ALA A 7 17.71 -26.72 -0.50
C ALA A 7 17.43 -27.48 0.80
N LYS A 8 16.14 -27.52 1.16
CA LYS A 8 15.67 -28.21 2.36
C LYS A 8 16.12 -29.68 2.34
N ASN A 9 17.19 -29.94 3.11
CA ASN A 9 17.81 -31.25 3.26
C ASN A 9 19.02 -31.44 2.35
N ASP A 10 18.82 -31.35 1.03
CA ASP A 10 19.91 -31.55 0.09
C ASP A 10 21.25 -30.95 0.54
N PHE A 11 21.23 -29.97 1.45
CA PHE A 11 22.47 -29.36 1.93
C PHE A 11 22.59 -29.25 3.44
N SER A 12 23.84 -29.18 3.90
CA SER A 12 24.16 -29.03 5.31
C SER A 12 24.00 -27.57 5.75
N ASP A 13 23.55 -27.37 6.98
CA ASP A 13 23.38 -26.02 7.50
C ASP A 13 24.68 -25.26 7.23
N ILE A 14 25.80 -25.97 7.26
CA ILE A 14 27.07 -25.30 7.01
C ILE A 14 27.16 -24.81 5.56
N GLU A 15 26.81 -25.67 4.61
CA GLU A 15 26.88 -25.32 3.19
C GLU A 15 25.89 -24.22 2.86
N LEU A 16 24.70 -24.32 3.46
CA LEU A 16 23.66 -23.35 3.22
C LEU A 16 24.12 -21.97 3.62
N ALA A 17 24.85 -21.89 4.71
CA ALA A 17 25.34 -20.62 5.21
C ALA A 17 26.38 -19.97 4.30
N ALA A 18 27.22 -20.79 3.68
CA ALA A 18 28.28 -20.30 2.81
C ALA A 18 27.88 -20.09 1.36
N ILE A 19 26.90 -20.84 0.86
CA ILE A 19 26.51 -20.66 -0.53
C ILE A 19 26.25 -19.18 -0.90
N PRO A 20 25.22 -18.53 -0.30
CA PRO A 20 24.95 -17.13 -0.64
C PRO A 20 26.19 -16.21 -0.77
N PHE A 21 26.96 -16.09 0.30
CA PHE A 21 28.16 -15.25 0.28
C PHE A 21 29.11 -15.56 -0.88
N ASN A 22 29.41 -16.82 -1.12
CA ASN A 22 30.33 -17.18 -2.20
C ASN A 22 29.80 -16.76 -3.57
N THR A 23 28.52 -17.06 -3.84
CA THR A 23 27.97 -16.69 -5.11
C THR A 23 27.78 -15.18 -5.16
N LEU A 24 27.67 -14.55 -4.01
CA LEU A 24 27.48 -13.09 -3.98
C LEU A 24 28.84 -12.42 -4.03
N ALA A 25 29.87 -13.14 -3.61
CA ALA A 25 31.22 -12.58 -3.64
C ALA A 25 31.74 -12.82 -5.06
N ASP A 26 31.42 -14.00 -5.60
CA ASP A 26 31.81 -14.37 -6.96
C ASP A 26 31.47 -13.22 -7.92
N HIS A 27 30.23 -12.74 -7.88
CA HIS A 27 29.87 -11.58 -8.69
C HIS A 27 29.81 -10.45 -7.67
N TYR A 28 30.12 -9.23 -8.08
CA TYR A 28 29.98 -8.10 -7.14
C TYR A 28 31.06 -7.77 -6.13
N GLY A 29 31.85 -8.75 -5.69
CA GLY A 29 32.90 -8.42 -4.72
C GLY A 29 32.65 -8.85 -3.27
N GLU A 30 33.71 -9.19 -2.55
CA GLU A 30 33.53 -9.66 -1.18
C GLU A 30 32.93 -8.59 -0.27
N ARG A 31 33.33 -7.35 -0.48
CA ARG A 31 32.84 -6.24 0.33
C ARG A 31 31.31 -6.17 0.29
N LEU A 32 30.75 -5.76 -0.85
CA LEU A 32 29.29 -5.65 -1.00
C LEU A 32 28.58 -6.94 -0.61
N ALA A 33 29.06 -8.08 -1.11
CA ALA A 33 28.43 -9.34 -0.76
C ALA A 33 28.24 -9.40 0.76
N ARG A 34 29.26 -9.03 1.54
CA ARG A 34 29.18 -9.06 3.01
C ARG A 34 28.14 -8.05 3.52
N GLU A 35 28.25 -6.83 3.02
CA GLU A 35 27.34 -5.78 3.37
C GLU A 35 25.89 -6.16 3.08
N GLN A 36 25.63 -6.81 1.95
CA GLN A 36 24.26 -7.21 1.63
C GLN A 36 23.74 -8.18 2.68
N LEU A 37 24.54 -9.17 3.04
CA LEU A 37 24.08 -10.13 4.02
C LEU A 37 23.95 -9.52 5.43
N ALA A 38 24.84 -8.60 5.77
CA ALA A 38 24.81 -7.96 7.08
C ALA A 38 23.52 -7.13 7.18
N LEU A 39 23.20 -6.47 6.10
CA LEU A 39 22.02 -5.66 6.02
C LEU A 39 20.79 -6.54 6.27
N GLU A 40 20.72 -7.68 5.59
CA GLU A 40 19.57 -8.54 5.78
C GLU A 40 19.46 -9.05 7.20
N HIS A 41 20.59 -9.46 7.78
CA HIS A 41 20.56 -9.97 9.17
C HIS A 41 20.06 -8.95 10.18
N GLU A 42 20.10 -7.66 9.81
CA GLU A 42 19.64 -6.63 10.70
C GLU A 42 18.15 -6.78 10.98
N SER A 43 17.47 -7.58 10.16
CA SER A 43 16.04 -7.83 10.34
C SER A 43 15.78 -8.63 11.63
N TYR A 44 16.83 -9.26 12.16
CA TYR A 44 16.72 -10.09 13.35
C TYR A 44 17.61 -9.74 14.53
N GLU A 45 18.70 -9.02 14.27
CA GLU A 45 19.61 -8.71 15.35
C GLU A 45 20.49 -7.51 15.07
N MET A 46 20.78 -6.73 16.09
CA MET A 46 21.63 -5.56 15.96
C MET A 46 23.09 -5.99 16.10
N GLY A 47 23.88 -5.81 15.05
CA GLY A 47 25.28 -6.20 15.12
C GLY A 47 26.04 -5.46 16.23
N GLU A 48 26.68 -6.23 17.12
CA GLU A 48 27.45 -5.66 18.22
C GLU A 48 28.33 -4.52 17.73
N ALA A 49 28.80 -4.64 16.48
CA ALA A 49 29.65 -3.62 15.89
C ALA A 49 28.92 -2.30 15.82
N ARG A 50 27.82 -2.27 15.07
CA ARG A 50 27.01 -1.06 14.91
C ARG A 50 26.69 -0.41 16.24
N PHE A 51 25.90 -1.12 17.04
CA PHE A 51 25.46 -0.68 18.36
C PHE A 51 26.52 0.03 19.16
N ARG A 52 27.53 -0.74 19.55
CA ARG A 52 28.65 -0.27 20.34
C ARG A 52 29.31 0.99 19.76
N LYS A 53 29.25 1.15 18.43
CA LYS A 53 29.84 2.31 17.75
C LYS A 53 29.09 3.63 17.99
N MET A 54 27.83 3.54 18.38
CA MET A 54 27.02 4.74 18.61
C MET A 54 27.38 5.56 19.86
N PHE A 55 28.31 5.04 20.68
CA PHE A 55 28.73 5.73 21.91
C PHE A 55 30.02 6.58 21.78
N PRO A 72 20.61 8.54 20.20
CA PRO A 72 19.84 7.61 19.31
C PRO A 72 19.12 6.63 20.25
N LEU A 73 17.79 6.70 20.26
CA LEU A 73 16.95 5.88 21.13
C LEU A 73 17.31 4.43 21.31
N ILE A 74 17.81 3.77 20.26
CA ILE A 74 18.10 2.34 20.41
C ILE A 74 19.16 2.08 21.47
N THR A 75 20.11 3.00 21.61
CA THR A 75 21.20 2.84 22.56
C THR A 75 20.72 2.66 23.99
N THR A 76 19.45 2.94 24.24
CA THR A 76 18.90 2.76 25.58
C THR A 76 17.86 1.64 25.57
N LEU A 77 16.89 1.73 24.68
CA LEU A 77 15.85 0.72 24.60
C LEU A 77 16.38 -0.71 24.68
N LEU A 78 17.21 -1.05 23.68
CA LEU A 78 17.78 -2.39 23.52
C LEU A 78 18.36 -2.97 24.80
N PRO A 79 19.34 -2.30 25.41
CA PRO A 79 19.86 -2.90 26.64
C PRO A 79 18.85 -3.21 27.73
N LYS A 80 17.87 -2.32 27.94
CA LYS A 80 16.86 -2.51 28.99
C LYS A 80 15.96 -3.67 28.68
N MET A 81 15.61 -3.82 27.40
CA MET A 81 14.72 -4.85 26.96
C MET A 81 15.35 -6.22 27.09
N ILE A 82 16.64 -6.32 26.78
CA ILE A 82 17.36 -7.59 26.87
C ILE A 82 17.41 -8.02 28.35
N ALA A 83 17.89 -7.13 29.20
CA ALA A 83 17.95 -7.42 30.62
C ALA A 83 16.58 -7.92 31.09
N ARG A 84 15.51 -7.25 30.69
CA ARG A 84 14.21 -7.72 31.14
C ARG A 84 13.97 -9.14 30.70
N ILE A 85 14.13 -9.43 29.41
CA ILE A 85 13.92 -10.78 28.88
C ILE A 85 14.69 -11.86 29.65
N ASN A 86 15.93 -11.54 30.02
CA ASN A 86 16.80 -12.44 30.77
C ASN A 86 16.37 -12.59 32.21
N ASP A 87 15.85 -11.52 32.79
CA ASP A 87 15.37 -11.57 34.18
C ASP A 87 14.03 -12.27 34.17
N TRP A 88 13.32 -12.18 33.06
CA TRP A 88 12.02 -12.83 33.01
C TRP A 88 12.21 -14.31 32.99
N PHE A 89 13.29 -14.77 32.37
CA PHE A 89 13.52 -16.21 32.31
C PHE A 89 13.85 -16.79 33.66
N GLU A 90 14.63 -16.08 34.47
CA GLU A 90 14.94 -16.59 35.80
C GLU A 90 13.62 -16.72 36.55
N GLU A 91 12.84 -15.62 36.57
CA GLU A 91 11.54 -15.56 37.24
C GLU A 91 10.64 -16.73 36.93
N VAL A 92 10.67 -17.15 35.67
CA VAL A 92 9.86 -18.26 35.19
C VAL A 92 10.39 -19.62 35.62
N LYS A 93 11.70 -19.80 35.57
CA LYS A 93 12.30 -21.07 35.95
C LYS A 93 12.30 -21.24 37.45
N ALA A 94 12.20 -20.14 38.17
CA ALA A 94 12.21 -20.14 39.62
C ALA A 94 10.88 -20.51 40.24
N LYS A 95 9.92 -20.96 39.46
CA LYS A 95 8.65 -21.30 40.06
C LYS A 95 8.06 -22.61 39.60
N ARG A 96 7.25 -23.21 40.45
CA ARG A 96 6.63 -24.49 40.11
C ARG A 96 5.50 -24.20 39.16
N GLY A 97 4.72 -25.22 38.83
CA GLY A 97 3.59 -25.03 37.96
C GLY A 97 3.82 -24.85 36.46
N LYS A 98 2.72 -24.62 35.75
CA LYS A 98 2.80 -24.46 34.32
C LYS A 98 3.65 -23.24 33.97
N ARG A 99 4.38 -23.34 32.86
CA ARG A 99 5.22 -22.27 32.38
C ARG A 99 4.36 -21.52 31.39
N PRO A 100 4.52 -20.19 31.30
CA PRO A 100 3.68 -19.49 30.35
C PRO A 100 3.99 -19.96 28.94
N THR A 101 2.92 -20.11 28.18
CA THR A 101 3.01 -20.55 26.80
C THR A 101 4.03 -19.76 25.95
N ALA A 102 4.11 -18.45 26.14
CA ALA A 102 5.05 -17.63 25.37
C ALA A 102 6.47 -18.06 25.68
N PHE A 103 6.71 -18.33 26.96
CA PHE A 103 8.01 -18.76 27.42
C PHE A 103 8.48 -20.04 26.71
N GLN A 104 7.59 -21.01 26.58
CA GLN A 104 7.98 -22.28 25.96
C GLN A 104 8.69 -22.08 24.63
N PHE A 105 8.22 -21.09 23.85
CA PHE A 105 8.75 -20.77 22.55
C PHE A 105 9.94 -19.82 22.60
N LEU A 106 9.85 -18.84 23.48
CA LEU A 106 10.89 -17.83 23.60
C LEU A 106 12.17 -18.25 24.30
N GLN A 107 12.07 -19.29 25.09
CA GLN A 107 13.19 -19.83 25.85
C GLN A 107 14.38 -20.07 24.93
N GLU A 108 14.06 -20.53 23.74
CA GLU A 108 15.02 -20.87 22.71
C GLU A 108 15.72 -19.68 22.05
N ILE A 109 14.94 -18.71 21.61
CA ILE A 109 15.48 -17.55 20.93
C ILE A 109 16.53 -16.75 21.70
N LYS A 110 17.54 -16.27 20.98
CA LYS A 110 18.62 -15.49 21.59
C LYS A 110 17.99 -14.15 22.07
N PRO A 111 18.08 -13.86 23.37
CA PRO A 111 17.52 -12.61 23.91
C PRO A 111 17.83 -11.32 23.17
N GLU A 112 19.03 -11.25 22.59
CA GLU A 112 19.45 -10.08 21.83
C GLU A 112 18.57 -9.97 20.60
N ALA A 113 18.05 -11.09 20.13
CA ALA A 113 17.22 -11.05 18.93
C ALA A 113 15.80 -10.74 19.30
N VAL A 114 15.35 -11.30 20.42
CA VAL A 114 13.99 -11.04 20.87
C VAL A 114 13.74 -9.55 21.07
N ALA A 115 14.65 -8.89 21.79
CA ALA A 115 14.54 -7.48 22.07
C ALA A 115 14.46 -6.66 20.79
N TYR A 116 15.47 -6.82 19.94
CA TYR A 116 15.54 -6.09 18.69
C TYR A 116 14.30 -6.20 17.85
N ILE A 117 13.81 -7.42 17.67
CA ILE A 117 12.60 -7.63 16.85
C ILE A 117 11.37 -7.00 17.48
N THR A 118 11.28 -7.03 18.80
CA THR A 118 10.14 -6.41 19.48
C THR A 118 10.17 -4.88 19.26
N ILE A 119 11.31 -4.25 19.58
CA ILE A 119 11.48 -2.80 19.39
C ILE A 119 11.04 -2.40 17.96
N LYS A 120 11.75 -2.92 16.95
CA LYS A 120 11.49 -2.64 15.53
C LYS A 120 10.10 -2.98 15.02
N THR A 121 9.62 -4.18 15.27
CA THR A 121 8.29 -4.53 14.79
C THR A 121 7.23 -3.62 15.43
N THR A 122 7.43 -3.24 16.70
CA THR A 122 6.45 -2.37 17.31
C THR A 122 6.43 -0.98 16.71
N LEU A 123 7.59 -0.38 16.46
CA LEU A 123 7.62 0.98 15.86
C LEU A 123 7.04 0.99 14.46
N ALA A 124 7.26 -0.10 13.73
CA ALA A 124 6.75 -0.16 12.38
C ALA A 124 5.24 -0.24 12.45
N CYS A 125 4.71 -1.01 13.39
CA CYS A 125 3.25 -1.11 13.55
C CYS A 125 2.62 0.24 13.89
N LEU A 126 3.36 1.03 14.63
CA LEU A 126 2.92 2.34 14.99
C LEU A 126 2.89 3.27 13.78
N THR A 127 3.56 2.91 12.69
CA THR A 127 3.47 3.79 11.55
C THR A 127 2.03 3.74 11.08
N SER A 128 1.22 2.85 11.65
CA SER A 128 -0.20 2.77 11.24
C SER A 128 -1.08 3.74 12.01
N ALA A 129 -1.89 4.50 11.30
CA ALA A 129 -2.79 5.45 11.95
C ALA A 129 -3.96 4.73 12.59
N ASP A 130 -4.63 3.92 11.79
CA ASP A 130 -5.81 3.21 12.23
C ASP A 130 -5.61 1.99 13.09
N ASN A 131 -5.01 0.95 12.54
CA ASN A 131 -4.86 -0.29 13.29
C ASN A 131 -3.62 -0.58 14.14
N THR A 132 -3.76 -0.42 15.44
CA THR A 132 -2.70 -0.78 16.36
C THR A 132 -3.39 -1.53 17.50
N THR A 133 -4.34 -2.40 17.16
CA THR A 133 -5.00 -3.19 18.19
C THR A 133 -3.89 -4.12 18.66
N VAL A 134 -3.98 -4.58 19.90
CA VAL A 134 -2.94 -5.46 20.40
C VAL A 134 -2.86 -6.75 19.61
N GLN A 135 -3.88 -7.06 18.81
CA GLN A 135 -3.79 -8.28 18.03
C GLN A 135 -2.79 -8.09 16.89
N ALA A 136 -3.00 -7.01 16.13
CA ALA A 136 -2.16 -6.66 14.99
C ALA A 136 -0.71 -6.59 15.37
N VAL A 137 -0.43 -5.94 16.49
CA VAL A 137 0.97 -5.81 16.87
C VAL A 137 1.54 -7.15 17.27
N ALA A 138 0.90 -7.81 18.23
CA ALA A 138 1.37 -9.10 18.69
C ALA A 138 1.55 -10.08 17.52
N SER A 139 0.62 -10.05 16.58
CA SER A 139 0.67 -10.93 15.45
C SER A 139 1.95 -10.77 14.62
N ALA A 140 2.39 -9.51 14.45
CA ALA A 140 3.57 -9.18 13.67
C ALA A 140 4.84 -9.49 14.42
N ILE A 141 4.79 -9.39 15.74
CA ILE A 141 5.97 -9.75 16.51
C ILE A 141 6.08 -11.29 16.44
N GLY A 142 4.95 -11.97 16.71
CA GLY A 142 4.94 -13.42 16.71
C GLY A 142 5.54 -13.94 15.43
N ARG A 143 5.08 -13.38 14.33
CA ARG A 143 5.53 -13.75 13.01
C ARG A 143 7.05 -13.59 12.82
N ALA A 144 7.63 -12.48 13.27
CA ALA A 144 9.06 -12.26 13.10
C ALA A 144 9.88 -13.05 14.09
N ILE A 145 9.36 -13.28 15.29
CA ILE A 145 10.10 -14.04 16.28
C ILE A 145 10.16 -15.48 15.78
N GLU A 146 9.16 -15.87 15.02
CA GLU A 146 9.18 -17.24 14.52
C GLU A 146 10.28 -17.37 13.48
N ASP A 147 10.38 -16.39 12.61
CA ASP A 147 11.37 -16.39 11.56
C ASP A 147 12.78 -16.58 12.13
N GLU A 148 13.05 -16.08 13.34
CA GLU A 148 14.38 -16.25 13.97
C GLU A 148 14.59 -17.58 14.70
N ALA A 149 13.51 -18.18 15.21
CA ALA A 149 13.63 -19.48 15.87
C ALA A 149 14.14 -20.39 14.75
N ARG A 150 13.34 -20.47 13.71
CA ARG A 150 13.68 -21.22 12.51
C ARG A 150 14.71 -20.30 11.85
N PHE A 151 15.65 -20.80 11.06
CA PHE A 151 16.63 -19.89 10.43
C PHE A 151 17.70 -19.29 11.34
N GLY A 152 17.36 -18.98 12.58
CA GLY A 152 18.35 -18.42 13.46
C GLY A 152 19.68 -19.17 13.48
N ARG A 153 19.66 -20.50 13.54
CA ARG A 153 20.92 -21.25 13.56
C ARG A 153 21.78 -21.03 12.33
N ILE A 154 21.17 -21.14 11.15
CA ILE A 154 21.89 -20.94 9.89
C ILE A 154 22.40 -19.52 9.79
N ARG A 155 21.61 -18.60 10.36
CA ARG A 155 21.95 -17.19 10.35
C ARG A 155 23.20 -17.01 11.15
N ASP A 156 23.31 -17.75 12.25
CA ASP A 156 24.48 -17.65 13.11
C ASP A 156 25.75 -18.08 12.39
N LEU A 157 25.62 -19.17 11.64
CA LEU A 157 26.76 -19.70 10.90
C LEU A 157 27.11 -18.75 9.77
N GLU A 158 26.09 -18.37 9.00
CA GLU A 158 26.26 -17.47 7.86
C GLU A 158 27.01 -16.18 8.20
N ALA A 159 26.88 -15.70 9.44
CA ALA A 159 27.57 -14.49 9.87
C ALA A 159 29.02 -14.82 10.19
N LYS A 160 29.23 -15.98 10.79
CA LYS A 160 30.56 -16.44 11.13
C LYS A 160 31.27 -16.61 9.79
N HIS A 161 30.52 -16.98 8.75
CA HIS A 161 31.12 -17.19 7.44
C HIS A 161 31.58 -15.95 6.70
N PHE A 162 30.67 -15.02 6.43
CA PHE A 162 31.06 -13.83 5.71
C PHE A 162 31.97 -12.92 6.50
N LYS A 163 32.24 -13.27 7.76
CA LYS A 163 33.14 -12.43 8.56
C LYS A 163 34.60 -12.72 8.19
N LYS A 164 34.86 -13.97 7.81
CA LYS A 164 36.19 -14.43 7.38
C LYS A 164 36.40 -13.95 5.94
N ASN A 165 37.55 -13.32 5.67
CA ASN A 165 37.85 -12.83 4.33
C ASN A 165 37.98 -13.98 3.34
N VAL A 166 37.27 -13.85 2.22
CA VAL A 166 37.27 -14.86 1.19
C VAL A 166 38.69 -15.15 0.73
N GLU A 167 38.89 -16.36 0.21
CA GLU A 167 40.19 -16.84 -0.26
C GLU A 167 40.79 -16.19 -1.51
N GLU A 168 42.02 -15.74 -1.33
CA GLU A 168 42.84 -15.12 -2.37
C GLU A 168 42.21 -14.28 -3.51
N GLN A 169 42.96 -14.21 -4.62
CA GLN A 169 42.63 -13.46 -5.84
C GLN A 169 42.00 -12.10 -5.58
N LEU A 170 42.84 -11.07 -5.65
CA LEU A 170 42.40 -9.71 -5.40
C LEU A 170 41.50 -9.08 -6.46
N ASN A 171 41.74 -9.36 -7.74
CA ASN A 171 40.91 -8.75 -8.79
C ASN A 171 39.45 -9.14 -8.65
N LYS A 172 39.19 -10.32 -8.06
CA LYS A 172 37.82 -10.82 -7.85
C LYS A 172 37.14 -10.14 -6.64
N ARG A 173 37.88 -10.00 -5.55
CA ARG A 173 37.40 -9.37 -4.31
C ARG A 173 37.18 -7.86 -4.48
N VAL A 174 38.02 -7.23 -5.31
CA VAL A 174 37.88 -5.80 -5.57
C VAL A 174 36.48 -5.64 -6.15
N GLY A 175 35.95 -6.80 -6.58
CA GLY A 175 34.62 -6.92 -7.14
C GLY A 175 33.92 -5.71 -7.73
N HIS A 176 33.47 -4.79 -6.87
CA HIS A 176 32.77 -3.59 -7.35
C HIS A 176 33.52 -2.91 -8.49
N VAL A 177 34.71 -2.39 -8.20
CA VAL A 177 35.50 -1.70 -9.23
C VAL A 177 34.48 -0.67 -9.78
N TYR A 178 34.74 0.61 -9.52
CA TYR A 178 33.81 1.65 -9.95
C TYR A 178 33.47 1.70 -11.45
N LYS A 179 33.32 0.54 -12.08
CA LYS A 179 32.98 0.47 -13.50
C LYS A 179 31.66 1.22 -13.73
N LYS A 180 31.74 2.44 -14.29
CA LYS A 180 30.54 3.24 -14.56
C LYS A 180 29.57 2.53 -15.53
N ALA A 181 29.11 1.36 -15.08
CA ALA A 181 28.17 0.46 -15.75
C ALA A 181 27.72 -0.28 -14.50
N PHE A 182 26.42 -0.49 -14.32
CA PHE A 182 25.99 -1.12 -13.09
C PHE A 182 26.08 -2.62 -13.00
N MET A 183 26.06 -3.10 -11.75
CA MET A 183 26.12 -4.52 -11.50
C MET A 183 24.90 -5.12 -12.18
N GLN A 184 25.10 -6.20 -12.91
CA GLN A 184 23.99 -6.81 -13.59
C GLN A 184 23.49 -7.99 -12.75
N VAL A 185 22.20 -8.25 -12.82
CA VAL A 185 21.58 -9.37 -12.09
C VAL A 185 22.34 -10.65 -12.36
N VAL A 186 22.13 -11.62 -11.49
CA VAL A 186 22.76 -12.93 -11.65
C VAL A 186 21.91 -13.72 -12.63
N GLU A 187 22.51 -14.65 -13.37
CA GLU A 187 21.76 -15.44 -14.31
C GLU A 187 21.09 -16.59 -13.54
N ALA A 188 19.84 -16.89 -13.87
CA ALA A 188 19.10 -17.97 -13.19
C ALA A 188 19.90 -19.27 -13.13
N ASP A 189 20.40 -19.73 -14.28
CA ASP A 189 21.19 -20.95 -14.32
C ASP A 189 22.40 -20.91 -13.36
N MET A 190 22.97 -19.72 -13.16
CA MET A 190 24.13 -19.58 -12.27
C MET A 190 23.79 -19.71 -10.78
N LEU A 191 22.53 -20.03 -10.48
CA LEU A 191 22.08 -20.15 -9.08
C LEU A 191 22.12 -21.58 -8.58
N SER A 192 23.00 -21.83 -7.60
CA SER A 192 23.15 -23.15 -6.98
C SER A 192 21.85 -23.61 -6.35
N LYS A 193 21.57 -24.90 -6.43
CA LYS A 193 20.33 -25.38 -5.85
C LYS A 193 20.20 -25.02 -4.38
N GLY A 194 21.28 -24.55 -3.75
CA GLY A 194 21.21 -24.18 -2.34
C GLY A 194 20.66 -22.78 -2.12
N LEU A 195 20.39 -22.10 -3.24
CA LEU A 195 19.85 -20.75 -3.22
C LEU A 195 18.39 -20.75 -3.65
N LEU A 196 17.87 -21.92 -4.05
CA LEU A 196 16.45 -22.04 -4.44
C LEU A 196 15.65 -22.20 -3.14
N GLY A 197 15.16 -21.07 -2.63
CA GLY A 197 14.44 -21.02 -1.37
C GLY A 197 13.25 -21.92 -1.10
N GLY A 198 12.77 -21.85 0.14
CA GLY A 198 11.64 -22.65 0.53
C GLY A 198 11.06 -22.36 1.90
N GLU A 199 9.74 -22.32 1.90
CA GLU A 199 8.94 -22.11 3.09
C GLU A 199 8.90 -20.68 3.61
N ALA A 200 8.06 -19.90 2.92
CA ALA A 200 7.84 -18.50 3.23
C ALA A 200 6.63 -18.43 4.14
N TRP A 201 6.11 -19.59 4.53
CA TRP A 201 4.96 -19.59 5.42
C TRP A 201 5.24 -20.01 6.84
N SER A 202 4.56 -19.31 7.75
CA SER A 202 4.70 -19.58 9.17
C SER A 202 4.07 -20.90 9.52
N SER A 203 4.55 -21.53 10.58
CA SER A 203 3.97 -22.80 10.97
C SER A 203 3.60 -22.87 12.44
N TRP A 204 3.41 -21.72 13.07
CA TRP A 204 3.00 -21.68 14.48
C TRP A 204 1.49 -21.52 14.47
N HIS A 205 0.82 -21.77 15.59
CA HIS A 205 -0.62 -21.58 15.65
C HIS A 205 -0.84 -20.10 16.01
N LYS A 206 -1.79 -19.46 15.37
CA LYS A 206 -2.06 -18.07 15.68
C LYS A 206 -2.01 -17.83 17.17
N GLU A 207 -2.50 -18.81 17.93
CA GLU A 207 -2.57 -18.70 19.38
C GLU A 207 -1.21 -18.54 20.05
N ASP A 208 -0.21 -19.27 19.57
CA ASP A 208 1.09 -19.17 20.20
C ASP A 208 1.81 -17.95 19.67
N SER A 209 1.43 -17.56 18.47
CA SER A 209 2.03 -16.43 17.82
C SER A 209 1.60 -15.17 18.58
N ILE A 210 0.34 -15.14 18.98
CA ILE A 210 -0.18 -13.99 19.75
C ILE A 210 0.39 -14.01 21.20
N HIS A 211 0.51 -15.20 21.79
CA HIS A 211 1.07 -15.38 23.14
C HIS A 211 2.45 -14.78 23.20
N VAL A 212 3.35 -15.23 22.31
CA VAL A 212 4.71 -14.72 22.26
C VAL A 212 4.65 -13.20 22.11
N GLY A 213 3.90 -12.76 21.12
CA GLY A 213 3.76 -11.35 20.87
C GLY A 213 3.38 -10.53 22.08
N VAL A 214 2.35 -10.95 22.80
CA VAL A 214 1.88 -10.20 23.98
C VAL A 214 2.95 -10.08 25.05
N ARG A 215 3.55 -11.21 25.42
CA ARG A 215 4.62 -11.21 26.40
C ARG A 215 5.79 -10.33 25.93
N CYS A 216 6.03 -10.24 24.64
CA CYS A 216 7.13 -9.38 24.23
C CYS A 216 6.81 -7.91 24.51
N ILE A 217 5.63 -7.51 24.07
CA ILE A 217 5.11 -6.17 24.29
C ILE A 217 5.13 -5.86 25.80
N GLU A 218 4.65 -6.82 26.57
CA GLU A 218 4.58 -6.70 28.03
C GLU A 218 5.92 -6.32 28.63
N MET A 219 6.98 -7.01 28.24
CA MET A 219 8.32 -6.73 28.74
C MET A 219 8.85 -5.40 28.19
N LEU A 220 8.46 -5.08 26.96
CA LEU A 220 8.86 -3.84 26.36
C LEU A 220 8.33 -2.69 27.23
N ILE A 221 7.03 -2.73 27.53
CA ILE A 221 6.39 -1.74 28.40
C ILE A 221 7.07 -1.70 29.75
N GLU A 222 7.23 -2.88 30.31
CA GLU A 222 7.87 -3.07 31.58
C GLU A 222 9.26 -2.40 31.63
N SER A 223 10.23 -2.91 30.86
CA SER A 223 11.61 -2.40 30.83
C SER A 223 11.82 -0.96 30.34
N THR A 224 10.94 -0.49 29.49
CA THR A 224 11.06 0.86 28.93
C THR A 224 9.65 1.47 29.00
N GLY A 225 9.52 2.75 28.83
CA GLY A 225 8.15 3.20 28.88
C GLY A 225 7.71 3.41 27.46
N MET A 226 8.46 2.83 26.52
CA MET A 226 8.18 3.07 25.11
C MET A 226 6.75 3.12 24.72
N VAL A 227 5.97 2.06 24.96
CA VAL A 227 4.56 2.15 24.61
C VAL A 227 3.64 1.91 25.82
N SER A 228 2.34 1.95 25.57
CA SER A 228 1.39 1.73 26.64
C SER A 228 0.13 1.15 26.03
N LEU A 229 -0.67 0.53 26.89
CA LEU A 229 -1.92 -0.09 26.45
C LEU A 229 -3.12 0.79 26.82
N HIS A 230 -3.93 1.14 25.82
CA HIS A 230 -5.09 1.97 26.05
C HIS A 230 -6.36 1.26 25.65
N ARG A 231 -7.34 1.27 26.55
CA ARG A 231 -8.62 0.63 26.27
C ARG A 231 -9.48 1.65 25.56
N GLN A 232 -9.96 1.29 24.37
CA GLN A 232 -10.79 2.16 23.56
C GLN A 232 -12.25 1.73 23.52
N ASN A 233 -13.15 2.65 23.86
CA ASN A 233 -14.59 2.39 23.81
C ASN A 233 -15.09 1.21 24.63
N ALA A 234 -14.80 1.25 25.93
CA ALA A 234 -15.22 0.20 26.86
C ALA A 234 -16.74 -0.02 26.80
N GLY A 235 -17.15 -1.28 26.68
CA GLY A 235 -18.56 -1.61 26.63
C GLY A 235 -19.29 -1.27 25.34
N VAL A 236 -18.68 -1.55 24.19
CA VAL A 236 -19.31 -1.27 22.90
C VAL A 236 -19.08 -2.39 21.92
N VAL A 237 -19.75 -3.51 22.13
CA VAL A 237 -19.63 -4.70 21.30
C VAL A 237 -18.91 -4.59 19.94
N GLY A 238 -19.28 -3.61 19.12
CA GLY A 238 -18.64 -3.51 17.82
C GLY A 238 -17.42 -2.62 17.66
N GLN A 239 -17.04 -1.91 18.72
CA GLN A 239 -15.91 -1.01 18.63
C GLN A 239 -14.92 -1.11 19.77
N ASP A 240 -15.28 -1.86 20.80
CA ASP A 240 -14.42 -2.02 21.96
C ASP A 240 -13.13 -2.67 21.52
N SER A 241 -12.02 -2.18 22.04
CA SER A 241 -10.74 -2.76 21.70
C SER A 241 -9.64 -2.31 22.66
N GLU A 242 -8.49 -2.94 22.52
CA GLU A 242 -7.32 -2.66 23.36
C GLU A 242 -6.22 -2.26 22.32
N THR A 243 -5.58 -1.11 22.50
CA THR A 243 -4.57 -0.68 21.54
C THR A 243 -3.27 -0.20 22.13
N ILE A 244 -2.22 -0.31 21.31
CA ILE A 244 -0.87 0.10 21.67
C ILE A 244 -0.69 1.56 21.26
N GLU A 245 -0.23 2.39 22.19
CA GLU A 245 -0.02 3.82 21.96
C GLU A 245 1.43 4.18 22.30
N LEU A 246 2.01 5.12 21.57
CA LEU A 246 3.40 5.48 21.84
C LEU A 246 3.45 6.46 22.99
N ALA A 247 4.33 6.22 23.95
CA ALA A 247 4.46 7.11 25.08
C ALA A 247 4.84 8.52 24.60
N PRO A 248 4.19 9.56 25.16
CA PRO A 248 4.48 10.94 24.76
C PRO A 248 5.95 11.31 24.81
N GLU A 249 6.68 10.83 25.81
CA GLU A 249 8.06 11.22 25.91
C GLU A 249 8.83 10.73 24.70
N TYR A 250 8.45 9.56 24.20
CA TYR A 250 9.10 8.99 23.04
C TYR A 250 8.74 9.71 21.74
N ALA A 251 7.47 9.99 21.54
CA ALA A 251 7.06 10.71 20.35
C ALA A 251 7.79 12.04 20.30
N GLU A 252 7.87 12.71 21.45
CA GLU A 252 8.52 14.01 21.51
C GLU A 252 9.97 13.96 21.03
N ALA A 253 10.70 12.90 21.35
CA ALA A 253 12.10 12.82 20.92
C ALA A 253 12.22 12.49 19.42
N ILE A 254 11.45 11.51 18.98
CA ILE A 254 11.42 11.10 17.59
C ILE A 254 11.18 12.31 16.68
N ALA A 255 10.19 13.12 17.07
CA ALA A 255 9.82 14.31 16.32
C ALA A 255 10.77 15.49 16.52
N THR A 256 11.39 15.57 17.69
CA THR A 256 12.23 16.70 18.03
C THR A 256 13.69 16.50 17.81
N ARG A 257 14.19 15.31 18.11
CA ARG A 257 15.60 15.04 17.94
C ARG A 257 15.92 14.61 16.53
N ALA A 258 17.18 14.81 16.15
CA ALA A 258 17.61 14.42 14.81
C ALA A 258 18.16 12.99 14.80
N GLY A 259 17.42 12.09 14.19
CA GLY A 259 17.90 10.72 14.11
C GLY A 259 17.70 9.89 15.36
N ALA A 260 16.54 10.05 15.95
CA ALA A 260 16.24 9.32 17.16
C ALA A 260 16.15 7.83 16.75
N LEU A 261 15.63 7.57 15.56
CA LEU A 261 15.51 6.19 15.10
C LEU A 261 16.80 5.68 14.46
N ALA A 262 17.91 6.35 14.79
CA ALA A 262 19.21 6.04 14.25
C ALA A 262 19.47 4.60 13.88
N GLY A 263 19.49 3.70 14.84
CA GLY A 263 19.77 2.31 14.48
C GLY A 263 18.60 1.36 14.54
N ILE A 264 17.44 1.80 14.08
CA ILE A 264 16.27 0.95 14.11
C ILE A 264 15.72 1.03 12.71
N SER A 265 16.11 0.08 11.88
CA SER A 265 15.69 0.06 10.49
C SER A 265 14.44 -0.78 10.23
N PRO A 266 13.65 -0.41 9.20
CA PRO A 266 12.43 -1.12 8.84
C PRO A 266 12.83 -2.57 8.68
N MET A 267 11.89 -3.49 8.83
CA MET A 267 12.21 -4.89 8.70
C MET A 267 12.81 -5.23 7.33
N PHE A 268 12.17 -4.73 6.28
CA PHE A 268 12.62 -4.98 4.91
C PHE A 268 13.33 -3.76 4.30
N GLN A 269 14.64 -3.89 4.08
CA GLN A 269 15.45 -2.78 3.52
C GLN A 269 15.73 -3.00 2.05
N PRO A 270 16.31 -2.00 1.38
CA PRO A 270 16.59 -2.24 -0.04
C PRO A 270 17.88 -3.05 -0.13
N CYS A 271 18.19 -3.57 -1.31
CA CYS A 271 19.42 -4.35 -1.47
C CYS A 271 20.50 -3.45 -1.99
N VAL A 272 21.73 -3.78 -1.65
CA VAL A 272 22.86 -2.98 -2.11
C VAL A 272 23.57 -3.67 -3.29
N VAL A 273 22.94 -4.72 -3.80
CA VAL A 273 23.44 -5.46 -4.98
C VAL A 273 22.15 -5.85 -5.65
N PRO A 274 22.19 -6.19 -6.95
CA PRO A 274 20.95 -6.60 -7.61
C PRO A 274 20.31 -7.74 -6.84
N PRO A 275 18.96 -7.73 -6.76
CA PRO A 275 18.14 -8.73 -6.08
C PRO A 275 18.18 -10.10 -6.75
N LYS A 276 18.05 -11.16 -5.96
CA LYS A 276 18.03 -12.52 -6.50
C LYS A 276 16.82 -12.73 -7.42
N PRO A 277 17.06 -13.20 -8.66
CA PRO A 277 15.95 -13.42 -9.61
C PRO A 277 14.94 -14.46 -9.15
N TRP A 278 13.69 -14.22 -9.48
CA TRP A 278 12.62 -15.16 -9.14
C TRP A 278 12.64 -16.29 -10.17
N THR A 279 12.67 -17.53 -9.69
CA THR A 279 12.69 -18.69 -10.55
C THR A 279 11.53 -19.56 -10.13
N GLY A 280 11.32 -19.63 -8.83
CA GLY A 280 10.23 -20.43 -8.31
C GLY A 280 9.16 -19.64 -7.55
N ILE A 281 8.40 -20.37 -6.76
CA ILE A 281 7.30 -19.80 -5.99
C ILE A 281 7.72 -19.08 -4.69
N THR A 282 8.97 -19.29 -4.25
CA THR A 282 9.47 -18.64 -3.02
C THR A 282 11.00 -18.49 -3.10
N GLY A 283 11.61 -17.83 -2.13
CA GLY A 283 13.06 -17.66 -2.14
C GLY A 283 13.64 -16.51 -2.94
N GLY A 284 12.83 -15.82 -3.74
CA GLY A 284 13.34 -14.70 -4.52
C GLY A 284 13.59 -13.41 -3.74
N GLY A 285 14.25 -12.47 -4.40
CA GLY A 285 14.53 -11.16 -3.82
C GLY A 285 15.71 -11.05 -2.88
N TYR A 286 15.52 -11.51 -1.65
CA TYR A 286 16.59 -11.40 -0.68
C TYR A 286 17.55 -12.56 -0.82
N TRP A 287 18.84 -12.26 -0.66
CA TRP A 287 19.96 -13.22 -0.79
C TRP A 287 20.35 -14.12 0.38
N ALA A 288 20.38 -13.58 1.60
CA ALA A 288 20.78 -14.39 2.75
C ALA A 288 19.97 -15.68 2.86
N ASN A 289 20.57 -16.70 3.48
CA ASN A 289 19.90 -17.99 3.66
C ASN A 289 19.44 -18.11 5.10
N GLY A 290 19.99 -17.25 5.96
CA GLY A 290 19.58 -17.26 7.35
C GLY A 290 18.47 -16.24 7.54
N ARG A 291 17.44 -16.35 6.71
CA ARG A 291 16.31 -15.42 6.77
C ARG A 291 15.06 -16.17 6.38
N ARG A 292 13.90 -15.58 6.68
CA ARG A 292 12.66 -16.19 6.26
C ARG A 292 12.60 -15.77 4.80
N PRO A 293 12.45 -16.72 3.87
CA PRO A 293 12.41 -16.32 2.46
C PRO A 293 11.07 -15.72 2.12
N LEU A 294 10.99 -14.97 1.03
CA LEU A 294 9.74 -14.33 0.60
C LEU A 294 8.86 -15.26 -0.25
N ALA A 295 7.64 -14.87 -0.50
CA ALA A 295 6.78 -15.65 -1.36
C ALA A 295 6.53 -14.80 -2.58
N LEU A 296 6.53 -15.42 -3.77
CA LEU A 296 6.29 -14.71 -5.03
C LEU A 296 4.88 -14.10 -5.00
N VAL A 297 3.95 -14.76 -4.32
CA VAL A 297 2.57 -14.26 -4.22
C VAL A 297 2.21 -14.24 -2.75
N ARG A 298 1.64 -13.12 -2.30
CA ARG A 298 1.23 -12.94 -0.88
C ARG A 298 -0.20 -13.41 -0.70
N THR A 299 -0.34 -14.59 -0.11
CA THR A 299 -1.66 -15.20 0.11
C THR A 299 -2.11 -15.26 1.58
N HIS A 300 -3.39 -15.58 1.78
CA HIS A 300 -3.95 -15.69 3.10
C HIS A 300 -3.52 -17.05 3.71
N SER A 301 -2.93 -17.95 2.91
CA SER A 301 -2.51 -19.27 3.40
C SER A 301 -1.49 -20.01 2.54
N LYS A 302 -0.81 -20.97 3.16
CA LYS A 302 0.20 -21.76 2.45
C LYS A 302 -0.48 -22.51 1.30
N LYS A 303 -1.55 -23.22 1.63
CA LYS A 303 -2.30 -23.99 0.63
C LYS A 303 -2.47 -23.14 -0.62
N ALA A 304 -3.00 -21.94 -0.43
CA ALA A 304 -3.26 -21.04 -1.53
C ALA A 304 -1.99 -20.69 -2.32
N LEU A 305 -0.84 -20.65 -1.62
CA LEU A 305 0.43 -20.33 -2.27
C LEU A 305 0.85 -21.55 -3.08
N MET A 306 0.68 -22.73 -2.50
CA MET A 306 1.08 -23.95 -3.18
C MET A 306 0.46 -24.08 -4.58
N ARG A 307 -0.75 -23.56 -4.78
CA ARG A 307 -1.37 -23.64 -6.09
C ARG A 307 -0.44 -23.16 -7.22
N TYR A 308 0.40 -22.18 -6.95
CA TYR A 308 1.30 -21.66 -7.97
C TYR A 308 2.54 -22.54 -8.16
N GLU A 309 2.81 -23.44 -7.21
CA GLU A 309 4.04 -24.25 -7.29
C GLU A 309 4.51 -24.68 -8.66
N ASP A 310 3.64 -25.26 -9.48
CA ASP A 310 4.06 -25.70 -10.80
C ASP A 310 3.21 -25.05 -11.86
N VAL A 311 2.91 -23.76 -11.68
CA VAL A 311 2.03 -23.10 -12.63
C VAL A 311 2.60 -22.83 -14.01
N TYR A 312 3.80 -22.28 -14.10
CA TYR A 312 4.38 -21.97 -15.40
C TYR A 312 3.71 -20.73 -15.99
N MET A 313 4.35 -19.60 -15.78
CA MET A 313 3.85 -18.31 -16.21
C MET A 313 5.13 -17.51 -16.41
N PRO A 314 5.87 -17.84 -17.47
CA PRO A 314 7.13 -17.22 -17.88
C PRO A 314 7.06 -15.69 -17.92
N GLU A 315 6.07 -15.18 -18.64
CA GLU A 315 5.91 -13.73 -18.76
C GLU A 315 5.77 -13.01 -17.41
N VAL A 316 5.19 -13.71 -16.44
CA VAL A 316 5.02 -13.14 -15.12
C VAL A 316 6.41 -12.99 -14.46
N TYR A 317 7.18 -14.07 -14.45
CA TYR A 317 8.52 -14.06 -13.86
C TYR A 317 9.49 -13.14 -14.64
N LYS A 318 9.16 -12.92 -15.90
CA LYS A 318 9.98 -12.08 -16.73
C LYS A 318 9.75 -10.62 -16.28
N ALA A 319 8.48 -10.29 -16.00
CA ALA A 319 8.10 -8.95 -15.54
C ALA A 319 8.65 -8.66 -14.14
N ILE A 320 8.44 -9.59 -13.22
CA ILE A 320 8.90 -9.36 -11.87
C ILE A 320 10.38 -9.18 -11.81
N ASN A 321 11.11 -9.91 -12.65
CA ASN A 321 12.55 -9.82 -12.62
C ASN A 321 13.13 -8.56 -13.25
N ILE A 322 12.52 -8.11 -14.32
CA ILE A 322 12.99 -6.88 -14.95
C ILE A 322 12.82 -5.73 -13.95
N ALA A 323 11.62 -5.62 -13.39
CA ALA A 323 11.33 -4.53 -12.45
C ALA A 323 12.30 -4.60 -11.29
N GLN A 324 12.32 -5.76 -10.68
CA GLN A 324 13.19 -6.02 -9.59
C GLN A 324 14.57 -5.48 -9.88
N ASN A 325 14.99 -5.62 -11.12
CA ASN A 325 16.32 -5.21 -11.58
C ASN A 325 16.57 -3.71 -11.80
N THR A 326 15.55 -2.87 -11.66
CA THR A 326 15.71 -1.44 -11.81
C THR A 326 16.63 -0.94 -10.70
N ALA A 327 17.65 -0.17 -11.07
CA ALA A 327 18.59 0.34 -10.10
C ALA A 327 18.27 1.78 -9.73
N TRP A 328 18.32 2.05 -8.42
CA TRP A 328 18.02 3.37 -7.92
C TRP A 328 19.12 3.98 -7.11
N LYS A 329 18.92 5.24 -6.76
CA LYS A 329 19.86 5.91 -5.87
C LYS A 329 19.10 7.00 -5.12
N ILE A 330 19.67 7.46 -4.02
CA ILE A 330 19.05 8.50 -3.22
C ILE A 330 19.26 9.85 -3.91
N ASN A 331 18.24 10.70 -3.91
CA ASN A 331 18.33 12.00 -4.51
C ASN A 331 18.92 12.94 -3.45
N LYS A 332 20.25 12.97 -3.35
CA LYS A 332 20.95 13.80 -2.39
C LYS A 332 20.45 15.25 -2.19
N LYS A 333 20.19 15.98 -3.26
CA LYS A 333 19.76 17.37 -3.10
C LYS A 333 18.41 17.45 -2.34
N VAL A 334 17.51 16.52 -2.63
CA VAL A 334 16.19 16.52 -1.99
C VAL A 334 16.32 16.02 -0.55
N LEU A 335 17.27 15.14 -0.31
CA LEU A 335 17.49 14.62 1.03
C LEU A 335 17.97 15.77 1.89
N ALA A 336 18.95 16.52 1.40
CA ALA A 336 19.51 17.64 2.16
C ALA A 336 18.43 18.59 2.64
N VAL A 337 17.40 18.76 1.83
CA VAL A 337 16.30 19.64 2.18
C VAL A 337 15.34 19.01 3.18
N ALA A 338 14.99 17.74 2.98
CA ALA A 338 14.08 17.08 3.88
C ALA A 338 14.70 17.02 5.26
N ASN A 339 15.96 16.65 5.34
CA ASN A 339 16.60 16.55 6.64
C ASN A 339 16.47 17.84 7.39
N VAL A 340 16.52 18.95 6.65
CA VAL A 340 16.42 20.24 7.30
C VAL A 340 15.02 20.70 7.67
N ILE A 341 14.13 20.87 6.71
CA ILE A 341 12.80 21.38 7.01
C ILE A 341 11.81 20.49 7.77
N THR A 342 12.08 19.20 7.91
CA THR A 342 11.18 18.32 8.64
C THR A 342 11.37 18.49 10.14
N LYS A 343 12.26 19.37 10.56
CA LYS A 343 12.45 19.56 11.99
C LYS A 343 12.06 20.98 12.40
N TRP A 344 11.42 21.72 11.49
CA TRP A 344 11.00 23.09 11.78
C TRP A 344 9.67 23.06 12.54
N LYS A 345 9.48 24.03 13.45
CA LYS A 345 8.27 24.11 14.25
C LYS A 345 7.09 24.63 13.44
N HIS A 346 7.26 24.73 12.13
CA HIS A 346 6.20 25.23 11.24
C HIS A 346 6.91 24.88 9.97
N CYS A 347 6.28 24.03 9.17
CA CYS A 347 6.89 23.58 7.93
C CYS A 347 6.13 24.06 6.70
N PRO A 348 6.87 24.46 5.65
CA PRO A 348 6.22 24.95 4.44
C PRO A 348 5.51 23.83 3.71
N VAL A 349 5.90 22.59 3.96
CA VAL A 349 5.20 21.49 3.31
C VAL A 349 4.12 21.10 4.31
N GLU A 350 2.88 21.47 4.03
CA GLU A 350 1.82 21.16 4.97
C GLU A 350 1.56 19.68 5.25
N ASP A 351 1.97 18.79 4.36
CA ASP A 351 1.77 17.37 4.63
C ASP A 351 2.70 16.86 5.74
N ILE A 352 3.72 17.64 6.08
CA ILE A 352 4.66 17.20 7.11
C ILE A 352 4.05 17.36 8.50
N PRO A 353 3.92 16.26 9.24
CA PRO A 353 3.34 16.30 10.59
C PRO A 353 4.00 17.29 11.54
N ALA A 354 3.19 18.21 12.06
CA ALA A 354 3.67 19.21 12.99
C ALA A 354 4.39 18.56 14.16
N ILE A 355 5.14 19.37 14.89
CA ILE A 355 5.90 18.90 16.04
C ILE A 355 5.22 18.99 17.42
N GLU A 356 4.52 20.09 17.69
CA GLU A 356 3.84 20.28 18.98
C GLU A 356 2.47 19.62 19.02
N ARG A 357 2.09 19.14 20.21
CA ARG A 357 0.80 18.51 20.39
C ARG A 357 -0.33 19.52 20.44
N GLU A 358 -1.48 19.15 19.89
CA GLU A 358 -2.63 20.04 19.92
C GLU A 358 -3.33 19.69 21.23
N GLU A 359 -3.36 20.63 22.18
CA GLU A 359 -3.98 20.41 23.49
C GLU A 359 -5.47 20.19 23.41
N LEU A 360 -5.99 19.44 24.38
CA LEU A 360 -7.40 19.13 24.44
C LEU A 360 -8.24 20.41 24.45
N PRO A 361 -9.40 20.39 23.78
CA PRO A 361 -10.26 21.57 23.74
C PRO A 361 -10.84 21.83 25.16
N MET A 362 -10.55 23.01 25.73
CA MET A 362 -11.01 23.35 27.08
C MET A 362 -12.52 23.17 27.28
N LYS A 363 -12.90 22.73 28.48
CA LYS A 363 -14.30 22.51 28.85
C LYS A 363 -15.01 23.88 28.95
N PRO A 364 -16.32 23.94 28.64
CA PRO A 364 -17.06 25.20 28.71
C PRO A 364 -17.27 25.84 30.10
N GLU A 365 -16.55 25.35 31.11
CA GLU A 365 -16.68 25.84 32.49
C GLU A 365 -18.10 25.48 32.95
N ASP A 366 -19.08 25.71 32.07
CA ASP A 366 -20.48 25.41 32.31
C ASP A 366 -20.63 23.92 32.09
N ILE A 367 -19.61 23.20 32.53
CA ILE A 367 -19.46 21.75 32.44
C ILE A 367 -20.69 20.89 32.74
N ASP A 368 -21.15 20.99 33.99
CA ASP A 368 -22.31 20.24 34.48
C ASP A 368 -23.46 20.25 33.46
N MET A 369 -23.45 21.27 32.59
CA MET A 369 -24.46 21.44 31.55
C MET A 369 -24.57 20.14 30.78
N ASN A 370 -25.71 19.47 30.92
CA ASN A 370 -25.92 18.19 30.22
C ASN A 370 -26.44 18.38 28.79
N PRO A 371 -26.38 19.62 28.24
CA PRO A 371 -26.92 19.62 26.88
C PRO A 371 -25.98 18.86 25.95
N GLU A 372 -26.23 18.99 24.66
CA GLU A 372 -25.36 18.33 23.71
C GLU A 372 -23.95 18.91 23.89
N ALA A 373 -23.82 19.87 24.81
CA ALA A 373 -22.55 20.53 25.12
C ALA A 373 -21.51 19.53 25.59
N LEU A 374 -21.82 18.78 26.65
CA LEU A 374 -20.90 17.79 27.18
C LEU A 374 -21.11 16.43 26.51
N THR A 375 -21.30 16.49 25.19
CA THR A 375 -21.50 15.31 24.34
C THR A 375 -20.76 15.70 23.06
N ALA A 376 -20.91 16.96 22.70
CA ALA A 376 -20.27 17.56 21.53
C ALA A 376 -18.79 17.67 21.86
N TRP A 377 -18.52 18.09 23.09
CA TRP A 377 -17.16 18.20 23.58
C TRP A 377 -16.59 16.77 23.54
N LYS A 378 -17.41 15.81 23.95
CA LYS A 378 -17.03 14.39 23.95
C LYS A 378 -16.54 14.00 22.55
N ARG A 379 -17.02 14.72 21.55
CA ARG A 379 -16.64 14.49 20.15
C ARG A 379 -15.41 15.36 19.85
N ALA A 380 -15.54 16.68 20.06
CA ALA A 380 -14.43 17.63 19.82
C ALA A 380 -13.11 17.12 20.38
N ALA A 381 -13.15 16.60 21.61
CA ALA A 381 -11.95 16.07 22.24
C ALA A 381 -11.54 14.76 21.57
N ALA A 382 -12.50 13.85 21.41
CA ALA A 382 -12.26 12.56 20.79
C ALA A 382 -11.66 12.64 19.38
N ALA A 383 -11.92 13.74 18.69
CA ALA A 383 -11.40 13.94 17.34
C ALA A 383 -9.95 14.44 17.42
N VAL A 384 -9.59 15.01 18.56
CA VAL A 384 -8.25 15.52 18.79
C VAL A 384 -7.29 14.38 19.12
N TYR A 385 -7.80 13.39 19.80
CA TYR A 385 -6.99 12.24 20.16
C TYR A 385 -6.70 11.54 18.84
N ARG A 386 -7.73 11.41 18.03
CA ARG A 386 -7.67 10.77 16.73
C ARG A 386 -6.66 11.44 15.80
N LYS A 387 -6.53 12.77 15.91
CA LYS A 387 -5.59 13.51 15.09
C LYS A 387 -4.22 13.45 15.68
N ASP A 388 -4.12 13.29 16.99
CA ASP A 388 -2.81 13.19 17.57
C ASP A 388 -2.21 11.83 17.23
N LYS A 389 -3.03 10.81 17.16
CA LYS A 389 -2.49 9.49 16.85
C LYS A 389 -1.97 9.49 15.41
N ALA A 390 -2.76 10.03 14.50
CA ALA A 390 -2.39 10.12 13.11
C ALA A 390 -1.11 10.97 13.00
N ARG A 391 -1.05 12.04 13.78
CA ARG A 391 0.12 12.89 13.72
C ARG A 391 1.34 12.12 14.20
N LYS A 392 1.23 11.42 15.31
CA LYS A 392 2.38 10.67 15.79
C LYS A 392 2.80 9.57 14.80
N SER A 393 1.84 8.92 14.14
CA SER A 393 2.23 7.87 13.21
C SER A 393 2.90 8.43 11.95
N ARG A 394 2.32 9.49 11.39
CA ARG A 394 2.90 10.09 10.20
C ARG A 394 4.33 10.49 10.48
N ARG A 395 4.60 10.81 11.73
CA ARG A 395 5.94 11.19 12.15
C ARG A 395 6.93 10.03 12.20
N ILE A 396 6.52 8.88 12.73
CA ILE A 396 7.40 7.72 12.84
C ILE A 396 7.77 7.33 11.41
N SER A 397 6.72 7.08 10.64
CA SER A 397 6.82 6.72 9.26
C SER A 397 7.82 7.70 8.62
N LEU A 398 7.56 8.99 8.79
CA LEU A 398 8.43 9.98 8.21
C LEU A 398 9.88 9.78 8.60
N GLU A 399 10.12 9.69 9.91
CA GLU A 399 11.47 9.50 10.36
C GLU A 399 12.12 8.20 9.84
N PHE A 400 11.32 7.18 9.48
CA PHE A 400 11.90 5.92 8.99
C PHE A 400 12.49 6.16 7.61
N MET A 401 11.70 6.77 6.75
CA MET A 401 12.11 7.08 5.41
C MET A 401 13.42 7.87 5.44
N LEU A 402 13.51 8.86 6.32
CA LEU A 402 14.76 9.60 6.39
C LEU A 402 15.86 8.69 6.94
N GLU A 403 15.54 7.93 7.98
CA GLU A 403 16.57 7.05 8.56
C GLU A 403 17.25 6.25 7.46
N GLN A 404 16.40 5.75 6.57
CA GLN A 404 16.71 4.92 5.42
C GLN A 404 17.43 5.72 4.31
N ALA A 405 16.83 6.80 3.84
CA ALA A 405 17.48 7.62 2.81
C ALA A 405 18.87 8.08 3.30
N ASN A 406 18.96 8.55 4.53
CA ASN A 406 20.25 8.97 5.03
C ASN A 406 21.23 7.81 5.04
N LYS A 407 20.72 6.59 5.19
CA LYS A 407 21.59 5.43 5.27
C LYS A 407 22.23 5.04 3.90
N PHE A 408 21.43 5.09 2.82
CA PHE A 408 21.86 4.75 1.47
C PHE A 408 22.24 5.96 0.60
N ALA A 409 22.36 7.12 1.25
CA ALA A 409 22.67 8.36 0.57
C ALA A 409 23.86 8.32 -0.38
N ASN A 410 24.95 7.72 0.09
CA ASN A 410 26.16 7.65 -0.70
C ASN A 410 26.38 6.44 -1.54
N HIS A 411 25.41 5.53 -1.53
CA HIS A 411 25.50 4.30 -2.29
C HIS A 411 25.43 4.55 -3.78
N LYS A 412 26.32 3.94 -4.54
CA LYS A 412 26.28 4.13 -5.99
C LYS A 412 24.91 3.69 -6.48
N ALA A 413 24.33 2.70 -5.81
CA ALA A 413 23.01 2.23 -6.19
C ALA A 413 22.41 1.26 -5.19
N ILE A 414 21.09 1.17 -5.25
CA ILE A 414 20.30 0.27 -4.41
C ILE A 414 19.16 -0.27 -5.29
N TRP A 415 18.76 -1.52 -5.01
CA TRP A 415 17.69 -2.23 -5.71
C TRP A 415 16.59 -2.62 -4.75
N PHE A 416 15.36 -2.77 -5.28
CA PHE A 416 14.20 -3.15 -4.48
C PHE A 416 13.60 -4.47 -4.93
N PRO A 417 13.58 -5.49 -4.07
CA PRO A 417 12.99 -6.75 -4.52
C PRO A 417 11.47 -6.60 -4.61
N TYR A 418 10.79 -7.41 -5.42
CA TYR A 418 9.34 -7.32 -5.56
C TYR A 418 8.55 -8.61 -5.31
N ASN A 419 7.25 -8.41 -5.06
CA ASN A 419 6.23 -9.41 -4.69
C ASN A 419 4.99 -9.11 -5.46
N MET A 420 4.00 -9.98 -5.29
CA MET A 420 2.72 -9.71 -5.92
C MET A 420 1.63 -10.04 -4.91
N ASP A 421 0.54 -9.27 -4.87
CA ASP A 421 -0.55 -9.61 -3.95
C ASP A 421 -1.32 -10.72 -4.63
N TRP A 422 -2.25 -11.36 -3.94
CA TRP A 422 -2.96 -12.48 -4.57
C TRP A 422 -3.62 -12.21 -5.94
N ARG A 423 -3.79 -10.95 -6.34
CA ARG A 423 -4.40 -10.70 -7.65
C ARG A 423 -3.36 -10.47 -8.72
N GLY A 424 -2.09 -10.46 -8.34
CA GLY A 424 -1.06 -10.21 -9.31
C GLY A 424 -0.44 -8.83 -9.21
N ARG A 425 -1.17 -7.81 -8.75
CA ARG A 425 -0.60 -6.45 -8.61
C ARG A 425 0.82 -6.58 -8.04
N VAL A 426 1.73 -5.73 -8.50
CA VAL A 426 3.13 -5.79 -8.08
C VAL A 426 3.53 -4.82 -6.98
N TYR A 427 4.32 -5.30 -6.01
CA TYR A 427 4.74 -4.44 -4.89
C TYR A 427 6.24 -4.52 -4.57
N ALA A 428 6.86 -3.36 -4.38
CA ALA A 428 8.27 -3.25 -3.96
C ALA A 428 8.12 -3.78 -2.53
N VAL A 429 9.08 -4.55 -2.05
CA VAL A 429 8.93 -5.17 -0.72
C VAL A 429 9.42 -4.45 0.53
N SER A 430 10.40 -3.57 0.39
CA SER A 430 10.96 -2.85 1.53
C SER A 430 10.13 -1.61 1.85
N MET A 431 9.88 -1.39 3.15
CA MET A 431 9.09 -0.25 3.58
C MET A 431 9.38 1.03 2.77
N PHE A 432 10.59 1.54 2.90
CA PHE A 432 10.98 2.76 2.17
C PHE A 432 11.07 2.31 0.70
N ASN A 433 10.10 2.72 -0.11
CA ASN A 433 10.16 2.28 -1.48
C ASN A 433 9.56 3.26 -2.49
N PRO A 434 9.83 3.07 -3.80
CA PRO A 434 9.38 3.90 -4.93
C PRO A 434 7.88 4.02 -5.09
N GLN A 435 7.16 3.28 -4.26
CA GLN A 435 5.71 3.28 -4.33
C GLN A 435 5.11 4.16 -3.24
N GLY A 436 5.98 4.76 -2.43
CA GLY A 436 5.60 5.59 -1.32
C GLY A 436 4.95 6.93 -1.59
N ASN A 437 4.84 7.75 -0.54
CA ASN A 437 4.23 9.07 -0.64
C ASN A 437 5.16 10.08 -1.26
N ASP A 438 4.71 11.34 -1.38
CA ASP A 438 5.52 12.38 -2.02
C ASP A 438 6.97 12.53 -1.53
N MET A 439 7.18 12.66 -0.23
CA MET A 439 8.54 12.81 0.23
C MET A 439 9.41 11.60 -0.11
N THR A 440 8.83 10.40 -0.03
CA THR A 440 9.62 9.25 -0.31
C THR A 440 10.04 9.18 -1.78
N LYS A 441 9.09 9.44 -2.65
CA LYS A 441 9.38 9.43 -4.05
C LYS A 441 10.39 10.53 -4.36
N GLY A 442 10.26 11.69 -3.75
CA GLY A 442 11.18 12.77 -4.02
C GLY A 442 12.59 12.40 -3.63
N LEU A 443 12.74 11.58 -2.59
CA LEU A 443 14.06 11.16 -2.14
C LEU A 443 14.72 10.09 -3.03
N LEU A 444 13.99 9.57 -4.00
CA LEU A 444 14.58 8.53 -4.83
C LEU A 444 14.52 8.92 -6.28
N THR A 445 15.53 8.45 -7.01
CA THR A 445 15.67 8.68 -8.44
C THR A 445 16.36 7.46 -9.02
N LEU A 446 16.30 7.33 -10.34
CA LEU A 446 16.93 6.20 -11.05
C LEU A 446 18.47 6.27 -11.15
N ALA A 447 19.11 5.11 -11.08
CA ALA A 447 20.58 5.07 -11.13
C ALA A 447 21.24 5.34 -12.48
N LYS A 448 20.83 4.63 -13.54
CA LYS A 448 21.41 4.80 -14.88
C LYS A 448 20.57 5.63 -15.79
N GLY A 449 21.02 6.86 -16.04
CA GLY A 449 20.31 7.77 -16.92
C GLY A 449 20.89 7.92 -18.33
N LYS A 450 20.36 8.88 -19.09
CA LYS A 450 20.83 9.12 -20.44
C LYS A 450 20.85 10.61 -20.72
N PRO A 451 21.57 11.03 -21.77
CA PRO A 451 21.59 12.47 -22.08
C PRO A 451 20.14 12.75 -22.45
N ILE A 452 19.53 13.69 -21.74
CA ILE A 452 18.13 14.05 -21.90
C ILE A 452 17.56 14.26 -23.30
N GLY A 453 18.09 15.23 -24.05
CA GLY A 453 17.56 15.48 -25.37
C GLY A 453 16.37 16.43 -25.36
N LYS A 454 15.93 16.90 -26.51
CA LYS A 454 14.80 17.82 -26.58
C LYS A 454 13.53 17.05 -26.22
N GLU A 455 13.42 15.84 -26.75
CA GLU A 455 12.28 14.94 -26.52
C GLU A 455 12.21 14.72 -24.99
N GLY A 456 13.31 14.23 -24.41
CA GLY A 456 13.36 14.01 -22.98
C GLY A 456 13.08 15.25 -22.14
N TYR A 457 13.59 16.39 -22.57
CA TYR A 457 13.39 17.64 -21.87
C TYR A 457 11.93 18.03 -21.90
N TYR A 458 11.26 17.78 -23.00
CA TYR A 458 9.85 18.12 -23.10
C TYR A 458 9.04 17.39 -22.03
N TRP A 459 9.32 16.11 -21.83
CA TRP A 459 8.57 15.41 -20.82
C TRP A 459 9.02 15.74 -19.41
N LEU A 460 10.26 16.17 -19.26
CA LEU A 460 10.74 16.54 -17.96
C LEU A 460 9.90 17.73 -17.59
N LYS A 461 9.42 18.44 -18.60
CA LYS A 461 8.63 19.60 -18.27
C LYS A 461 7.20 19.21 -18.00
N ILE A 462 6.68 18.28 -18.77
CA ILE A 462 5.31 17.84 -18.54
C ILE A 462 5.22 17.26 -17.14
N HIS A 463 6.28 16.60 -16.70
CA HIS A 463 6.28 16.00 -15.39
C HIS A 463 6.34 17.05 -14.31
N GLY A 464 7.20 18.05 -14.48
CA GLY A 464 7.26 19.12 -13.49
C GLY A 464 5.87 19.73 -13.30
N ALA A 465 5.17 19.96 -14.41
CA ALA A 465 3.83 20.53 -14.37
C ALA A 465 2.94 19.57 -13.60
N ASN A 466 2.92 18.32 -14.02
CA ASN A 466 2.08 17.33 -13.35
C ASN A 466 2.34 17.32 -11.85
N CYS A 467 3.57 17.56 -11.42
CA CYS A 467 3.89 17.57 -10.00
C CYS A 467 3.16 18.72 -9.31
N ALA A 468 2.96 19.83 -10.02
CA ALA A 468 2.20 20.95 -9.44
C ALA A 468 0.78 20.49 -9.68
N GLY A 469 -0.17 21.37 -9.87
CA GLY A 469 -1.50 20.81 -10.08
C GLY A 469 -1.95 20.76 -11.51
N VAL A 470 -1.04 21.16 -12.40
CA VAL A 470 -1.27 21.28 -13.83
C VAL A 470 -1.40 20.00 -14.66
N ASP A 471 -2.46 19.23 -14.41
CA ASP A 471 -2.67 18.00 -15.15
C ASP A 471 -4.08 17.84 -15.70
N LYS A 472 -4.85 18.91 -15.74
CA LYS A 472 -6.22 18.83 -16.27
C LYS A 472 -6.29 19.76 -17.47
N VAL A 473 -5.13 19.98 -18.05
CA VAL A 473 -5.03 20.87 -19.16
C VAL A 473 -4.18 20.16 -20.21
N PRO A 474 -4.34 20.51 -21.52
CA PRO A 474 -3.52 19.83 -22.53
C PRO A 474 -2.04 20.13 -22.43
N PHE A 475 -1.19 19.31 -23.05
CA PHE A 475 0.25 19.51 -22.96
C PHE A 475 0.79 20.88 -23.35
N PRO A 476 0.33 21.47 -24.47
CA PRO A 476 0.91 22.78 -24.74
C PRO A 476 0.75 23.73 -23.53
N GLU A 477 -0.33 23.57 -22.77
CA GLU A 477 -0.50 24.40 -21.60
C GLU A 477 0.42 24.01 -20.46
N ARG A 478 0.66 22.73 -20.24
CA ARG A 478 1.57 22.38 -19.14
C ARG A 478 2.94 22.99 -19.34
N ILE A 479 3.43 22.94 -20.57
CA ILE A 479 4.74 23.50 -20.89
C ILE A 479 4.71 25.02 -20.64
N LYS A 480 3.56 25.64 -20.93
CA LYS A 480 3.41 27.09 -20.77
C LYS A 480 3.54 27.44 -19.30
N PHE A 481 2.91 26.63 -18.46
CA PHE A 481 2.97 26.78 -17.04
C PHE A 481 4.44 26.78 -16.58
N ILE A 482 5.19 25.78 -17.02
CA ILE A 482 6.59 25.67 -16.63
C ILE A 482 7.42 26.83 -17.14
N GLU A 483 7.22 27.20 -18.40
CA GLU A 483 8.03 28.25 -18.94
C GLU A 483 7.71 29.56 -18.28
N GLU A 484 6.44 29.82 -18.02
CA GLU A 484 6.06 31.05 -17.33
C GLU A 484 6.77 31.15 -16.00
N ASN A 485 6.90 30.02 -15.31
CA ASN A 485 7.53 30.05 -14.01
C ASN A 485 9.00 29.71 -14.03
N HIS A 486 9.64 29.93 -15.17
CA HIS A 486 11.06 29.64 -15.29
C HIS A 486 11.91 30.21 -14.14
N GLU A 487 11.79 31.49 -13.82
CA GLU A 487 12.65 32.00 -12.74
C GLU A 487 12.27 31.51 -11.37
N ASN A 488 11.02 31.14 -11.18
CA ASN A 488 10.63 30.63 -9.88
C ASN A 488 11.32 29.29 -9.72
N ILE A 489 11.20 28.47 -10.75
CA ILE A 489 11.81 27.17 -10.76
C ILE A 489 13.33 27.23 -10.55
N MET A 490 13.98 28.26 -11.07
CA MET A 490 15.43 28.37 -10.89
C MET A 490 15.78 28.85 -9.50
N ALA A 491 14.98 29.80 -9.00
CA ALA A 491 15.19 30.38 -7.68
C ALA A 491 15.06 29.29 -6.63
N CYS A 492 14.09 28.41 -6.85
CA CYS A 492 13.86 27.31 -5.94
C CYS A 492 14.95 26.26 -6.00
N ALA A 493 15.48 25.96 -7.18
CA ALA A 493 16.55 24.97 -7.23
C ALA A 493 17.82 25.58 -6.65
N LYS A 494 17.99 26.88 -6.86
CA LYS A 494 19.17 27.59 -6.36
C LYS A 494 19.25 27.69 -4.82
N SER A 495 18.13 28.09 -4.21
CA SER A 495 18.04 28.24 -2.75
C SER A 495 16.65 27.81 -2.25
N PRO A 496 16.43 26.48 -2.17
CA PRO A 496 15.20 25.83 -1.73
C PRO A 496 14.75 26.20 -0.32
N LEU A 497 15.70 26.47 0.57
CA LEU A 497 15.37 26.85 1.95
C LEU A 497 14.78 28.24 2.04
N GLU A 498 15.25 29.15 1.17
CA GLU A 498 14.78 30.54 1.12
C GLU A 498 13.64 30.73 0.09
N ASN A 499 13.74 30.09 -1.07
CA ASN A 499 12.70 30.20 -2.09
C ASN A 499 11.81 28.96 -2.01
N THR A 500 10.79 29.04 -1.16
CA THR A 500 9.91 27.90 -0.92
C THR A 500 8.64 27.76 -1.72
N TRP A 501 8.61 28.34 -2.90
CA TRP A 501 7.44 28.23 -3.74
C TRP A 501 7.18 26.75 -4.09
N TRP A 502 8.22 25.93 -4.06
CA TRP A 502 8.05 24.51 -4.38
C TRP A 502 7.20 23.82 -3.30
N ALA A 503 7.51 24.08 -2.03
CA ALA A 503 6.80 23.51 -0.89
C ALA A 503 5.26 23.75 -0.89
N GLU A 504 4.77 24.58 -1.80
CA GLU A 504 3.35 24.86 -1.90
C GLU A 504 2.66 24.06 -3.00
N GLN A 505 3.46 23.38 -3.85
CA GLN A 505 2.95 22.62 -5.00
C GLN A 505 2.33 21.26 -4.66
N ASP A 506 1.30 20.92 -5.42
CA ASP A 506 0.57 19.67 -5.23
C ASP A 506 1.44 18.53 -4.71
N SER A 507 2.61 18.29 -5.30
CA SER A 507 3.54 17.24 -4.84
C SER A 507 4.81 17.99 -4.53
N PRO A 508 4.83 18.62 -3.37
CA PRO A 508 6.00 19.40 -2.96
C PRO A 508 7.37 18.79 -3.25
N PHE A 509 7.71 17.72 -2.55
CA PHE A 509 9.01 17.11 -2.71
C PHE A 509 9.39 16.65 -4.09
N CYS A 510 8.49 16.00 -4.82
CA CYS A 510 8.79 15.57 -6.17
C CYS A 510 9.08 16.81 -6.99
N PHE A 511 8.10 17.70 -7.06
CA PHE A 511 8.26 18.95 -7.80
C PHE A 511 9.65 19.56 -7.60
N LEU A 512 10.17 19.46 -6.39
CA LEU A 512 11.48 20.04 -6.09
C LEU A 512 12.58 19.22 -6.77
N ALA A 513 12.37 17.91 -6.85
CA ALA A 513 13.35 17.05 -7.47
C ALA A 513 13.44 17.49 -8.92
N PHE A 514 12.30 17.72 -9.52
CA PHE A 514 12.25 18.16 -10.89
C PHE A 514 12.83 19.56 -11.04
N CYS A 515 12.90 20.32 -9.96
CA CYS A 515 13.43 21.65 -10.05
C CYS A 515 14.94 21.62 -10.10
N PHE A 516 15.55 20.71 -9.36
CA PHE A 516 17.00 20.59 -9.36
C PHE A 516 17.45 20.08 -10.71
N GLU A 517 16.66 19.13 -11.22
CA GLU A 517 16.88 18.51 -12.51
C GLU A 517 16.74 19.61 -13.58
N TYR A 518 15.59 20.27 -13.63
CA TYR A 518 15.32 21.34 -14.60
C TYR A 518 16.45 22.39 -14.73
N ALA A 519 17.10 22.73 -13.62
CA ALA A 519 18.16 23.72 -13.63
C ALA A 519 19.44 23.07 -14.15
N GLY A 520 19.53 21.78 -13.93
CA GLY A 520 20.71 21.05 -14.36
C GLY A 520 20.76 21.15 -15.87
N VAL A 521 19.59 21.13 -16.50
CA VAL A 521 19.48 21.22 -17.94
C VAL A 521 19.89 22.60 -18.39
N GLN A 522 19.35 23.64 -17.77
CA GLN A 522 19.76 24.99 -18.16
C GLN A 522 21.28 25.11 -18.11
N HIS A 523 21.92 24.47 -17.14
CA HIS A 523 23.37 24.55 -16.98
C HIS A 523 24.23 23.58 -17.77
N HIS A 524 23.63 22.66 -18.51
CA HIS A 524 24.44 21.74 -19.26
C HIS A 524 23.82 21.54 -20.62
N GLY A 525 22.63 22.08 -20.80
CA GLY A 525 21.95 21.93 -22.06
C GLY A 525 21.41 20.53 -22.26
N LEU A 526 21.04 20.21 -23.51
CA LEU A 526 20.47 18.91 -23.83
C LEU A 526 21.38 17.70 -23.74
N SER A 527 22.68 17.93 -23.52
CA SER A 527 23.58 16.80 -23.38
C SER A 527 23.49 16.23 -21.96
N TYR A 528 22.85 16.99 -21.05
CA TYR A 528 22.66 16.62 -19.65
C TYR A 528 22.19 15.19 -19.42
N ASN A 529 22.84 14.50 -18.50
CA ASN A 529 22.44 13.15 -18.14
C ASN A 529 21.41 13.27 -16.98
N CYS A 530 20.16 12.97 -17.31
CA CYS A 530 19.06 13.04 -16.36
C CYS A 530 18.46 11.65 -16.16
N SER A 531 18.29 11.24 -14.90
CA SER A 531 17.73 9.92 -14.58
C SER A 531 16.45 9.98 -13.75
N LEU A 532 15.92 11.19 -13.54
CA LEU A 532 14.69 11.40 -12.79
C LEU A 532 13.54 10.59 -13.40
N PRO A 533 12.80 9.83 -12.58
CA PRO A 533 11.72 9.08 -13.20
C PRO A 533 10.52 9.97 -13.48
N LEU A 534 10.09 10.03 -14.74
CA LEU A 534 8.95 10.82 -15.14
C LEU A 534 7.82 9.82 -15.06
N ALA A 535 6.64 10.22 -14.58
CA ALA A 535 5.53 9.28 -14.44
C ALA A 535 4.27 9.56 -15.26
N PHE A 536 3.69 8.49 -15.76
CA PHE A 536 2.49 8.55 -16.57
C PHE A 536 1.38 7.81 -15.80
N ASP A 537 0.33 8.55 -15.44
CA ASP A 537 -0.76 7.96 -14.67
C ASP A 537 -2.02 7.71 -15.46
N GLY A 538 -2.57 6.54 -15.26
CA GLY A 538 -3.80 6.21 -15.96
C GLY A 538 -4.95 6.98 -15.31
N SER A 539 -5.83 7.55 -16.15
CA SER A 539 -6.98 8.31 -15.65
C SER A 539 -7.66 7.67 -14.44
N CYS A 540 -8.62 6.80 -14.72
CA CYS A 540 -9.34 6.11 -13.67
C CYS A 540 -9.23 4.64 -13.99
N SER A 541 -8.11 4.05 -13.62
CA SER A 541 -7.89 2.65 -13.90
C SER A 541 -9.10 1.85 -13.51
N GLY A 542 -9.38 0.78 -14.21
CA GLY A 542 -10.53 0.01 -13.82
C GLY A 542 -11.70 0.49 -14.63
N ILE A 543 -12.03 1.79 -14.55
CA ILE A 543 -13.13 2.26 -15.38
C ILE A 543 -12.58 2.31 -16.81
N GLN A 544 -11.26 2.32 -16.91
CA GLN A 544 -10.61 2.28 -18.22
C GLN A 544 -10.65 0.83 -18.69
N HIS A 545 -10.23 -0.08 -17.83
CA HIS A 545 -10.24 -1.47 -18.19
C HIS A 545 -11.62 -2.01 -18.51
N PHE A 546 -12.66 -1.58 -17.79
CA PHE A 546 -13.99 -2.09 -18.13
C PHE A 546 -14.43 -1.48 -19.47
N SER A 547 -14.13 -0.22 -19.70
CA SER A 547 -14.53 0.39 -20.96
C SER A 547 -13.83 -0.30 -22.14
N ALA A 548 -12.58 -0.70 -21.92
CA ALA A 548 -11.83 -1.35 -22.98
C ALA A 548 -12.40 -2.71 -23.32
N MET A 549 -12.44 -3.60 -22.33
CA MET A 549 -12.94 -4.96 -22.52
C MET A 549 -14.37 -5.02 -23.03
N LEU A 550 -15.13 -3.94 -22.87
CA LEU A 550 -16.51 -3.91 -23.37
C LEU A 550 -16.69 -2.98 -24.55
N ARG A 551 -15.67 -2.15 -24.78
CA ARG A 551 -15.63 -1.18 -25.85
C ARG A 551 -16.81 -0.22 -25.80
N ASP A 552 -16.85 0.49 -24.66
CA ASP A 552 -17.87 1.48 -24.35
C ASP A 552 -17.31 2.84 -24.73
N GLU A 553 -17.77 3.37 -25.86
CA GLU A 553 -17.32 4.66 -26.35
C GLU A 553 -17.48 5.76 -25.32
N VAL A 554 -18.72 5.95 -24.86
CA VAL A 554 -19.02 6.99 -23.89
C VAL A 554 -18.30 6.73 -22.57
N GLY A 555 -18.22 5.48 -22.14
CA GLY A 555 -17.50 5.22 -20.91
C GLY A 555 -16.03 5.57 -21.11
N GLY A 556 -15.42 5.02 -22.17
CA GLY A 556 -14.02 5.25 -22.48
C GLY A 556 -13.65 6.71 -22.67
N ARG A 557 -14.54 7.48 -23.30
CA ARG A 557 -14.25 8.88 -23.48
C ARG A 557 -14.27 9.56 -22.10
N ALA A 558 -15.17 9.13 -21.20
CA ALA A 558 -15.26 9.72 -19.84
C ALA A 558 -13.92 9.59 -19.11
N VAL A 559 -13.29 8.43 -19.22
CA VAL A 559 -11.96 8.28 -18.65
C VAL A 559 -11.22 8.85 -19.85
N ASN A 560 -10.02 8.44 -20.19
CA ASN A 560 -9.47 9.13 -21.36
C ASN A 560 -9.02 8.28 -22.53
N LEU A 561 -9.77 7.24 -22.85
CA LEU A 561 -9.39 6.34 -23.92
C LEU A 561 -9.37 6.91 -25.32
N LEU A 562 -10.13 7.97 -25.58
CA LEU A 562 -10.15 8.56 -26.93
C LEU A 562 -9.41 9.90 -27.04
N PRO A 563 -8.79 10.16 -28.22
CA PRO A 563 -8.05 11.41 -28.44
C PRO A 563 -9.00 12.61 -28.34
N SER A 564 -8.96 13.26 -27.19
CA SER A 564 -9.82 14.41 -26.93
C SER A 564 -8.97 15.67 -27.00
N GLU A 565 -9.59 16.80 -27.35
CA GLU A 565 -8.83 18.05 -27.40
C GLU A 565 -8.52 18.54 -26.00
N THR A 566 -9.34 18.10 -25.05
CA THR A 566 -9.19 18.47 -23.65
C THR A 566 -9.19 17.19 -22.83
N VAL A 567 -8.76 17.29 -21.58
CA VAL A 567 -8.72 16.14 -20.70
C VAL A 567 -10.07 15.95 -20.02
N GLN A 568 -10.72 14.81 -20.26
CA GLN A 568 -12.00 14.54 -19.64
C GLN A 568 -11.81 14.26 -18.16
N ASP A 569 -12.73 14.73 -17.33
CA ASP A 569 -12.63 14.52 -15.88
C ASP A 569 -13.92 13.89 -15.36
N ILE A 570 -13.96 12.57 -15.29
CA ILE A 570 -15.16 11.84 -14.86
C ILE A 570 -15.84 12.39 -13.56
N TYR A 571 -15.03 12.78 -12.56
CA TYR A 571 -15.58 13.32 -11.33
C TYR A 571 -16.32 14.60 -11.73
N GLY A 572 -15.72 15.36 -12.62
CA GLY A 572 -16.37 16.56 -13.08
C GLY A 572 -17.63 16.26 -13.88
N ILE A 573 -17.56 15.37 -14.86
CA ILE A 573 -18.76 15.14 -15.62
C ILE A 573 -19.91 14.55 -14.79
N VAL A 574 -19.58 13.78 -13.75
CA VAL A 574 -20.62 13.20 -12.88
C VAL A 574 -21.30 14.32 -12.10
N ALA A 575 -20.49 15.23 -11.59
CA ALA A 575 -20.93 16.40 -10.85
C ALA A 575 -21.87 17.26 -11.66
N LYS A 576 -21.54 17.52 -12.93
CA LYS A 576 -22.42 18.37 -13.75
C LYS A 576 -23.73 17.65 -13.91
N LYS A 577 -23.73 16.32 -13.87
CA LYS A 577 -25.01 15.64 -13.99
C LYS A 577 -25.82 15.70 -12.68
N VAL A 578 -25.15 15.60 -11.53
CA VAL A 578 -25.86 15.68 -10.26
C VAL A 578 -26.54 17.04 -10.23
N ASN A 579 -25.79 18.09 -10.48
CA ASN A 579 -26.34 19.42 -10.54
C ASN A 579 -27.57 19.57 -11.42
N GLU A 580 -27.62 18.98 -12.61
CA GLU A 580 -28.84 19.18 -13.40
C GLU A 580 -30.04 18.60 -12.67
N ILE A 581 -29.86 17.45 -12.04
CA ILE A 581 -30.94 16.82 -11.29
C ILE A 581 -31.29 17.73 -10.09
N LEU A 582 -30.28 18.38 -9.55
CA LEU A 582 -30.50 19.27 -8.45
C LEU A 582 -31.38 20.45 -8.87
N GLN A 583 -30.98 21.22 -9.88
CA GLN A 583 -31.81 22.35 -10.32
C GLN A 583 -33.25 21.85 -10.58
N ALA A 584 -33.37 20.76 -11.34
CA ALA A 584 -34.69 20.23 -11.63
C ALA A 584 -35.47 19.97 -10.34
N ASP A 585 -34.87 19.26 -9.39
CA ASP A 585 -35.60 18.98 -8.15
C ASP A 585 -35.94 20.24 -7.34
N ALA A 586 -35.16 21.29 -7.54
CA ALA A 586 -35.37 22.54 -6.84
C ALA A 586 -36.63 23.24 -7.33
N ILE A 587 -37.02 23.00 -8.59
CA ILE A 587 -38.23 23.62 -9.15
C ILE A 587 -39.46 22.78 -8.81
N ASN A 588 -39.40 21.50 -9.17
CA ASN A 588 -40.47 20.58 -8.90
C ASN A 588 -39.96 19.71 -7.77
N GLY A 589 -40.43 18.48 -7.70
CA GLY A 589 -39.95 17.65 -6.61
C GLY A 589 -40.84 17.73 -5.39
N THR A 590 -40.85 16.64 -4.65
CA THR A 590 -41.64 16.50 -3.45
C THR A 590 -41.59 17.67 -2.48
N ASP A 591 -42.63 17.79 -1.65
CA ASP A 591 -42.72 18.84 -0.66
C ASP A 591 -42.45 18.17 0.68
N ASN A 592 -41.98 18.93 1.67
CA ASN A 592 -41.70 18.34 2.97
C ASN A 592 -42.95 17.63 3.44
N GLU A 593 -42.86 16.31 3.61
CA GLU A 593 -44.02 15.52 4.05
C GLU A 593 -44.17 15.77 5.56
N VAL A 594 -45.40 15.97 6.01
CA VAL A 594 -45.70 16.25 7.42
C VAL A 594 -44.82 15.51 8.43
N VAL A 595 -45.46 14.73 9.29
CA VAL A 595 -44.74 13.98 10.30
C VAL A 595 -44.84 12.50 9.94
N THR A 596 -44.16 11.66 10.71
CA THR A 596 -44.17 10.20 10.50
C THR A 596 -45.53 9.68 10.95
N VAL A 597 -46.00 10.19 12.10
CA VAL A 597 -47.30 9.82 12.62
C VAL A 597 -48.30 10.18 11.52
N THR A 598 -48.42 9.30 10.52
CA THR A 598 -49.33 9.47 9.37
C THR A 598 -49.72 8.10 8.78
N ASP A 599 -48.95 7.07 9.15
CA ASP A 599 -49.20 5.69 8.69
C ASP A 599 -49.91 4.94 9.82
N GLU A 600 -50.14 5.65 10.94
CA GLU A 600 -50.83 5.11 12.12
C GLU A 600 -51.77 6.15 12.77
N ASN A 601 -51.72 6.23 14.09
CA ASN A 601 -52.57 7.17 14.83
C ASN A 601 -51.86 7.65 16.11
N THR A 602 -51.52 8.94 16.17
CA THR A 602 -50.84 9.53 17.32
C THR A 602 -49.40 8.98 17.49
N GLY A 603 -49.08 8.47 18.68
CA GLY A 603 -47.76 7.92 18.95
C GLY A 603 -46.55 8.71 18.49
N GLU A 604 -45.49 8.01 18.08
CA GLU A 604 -44.25 8.64 17.61
C GLU A 604 -44.44 9.82 16.62
N ILE A 605 -44.61 11.04 17.16
CA ILE A 605 -44.79 12.25 16.36
C ILE A 605 -43.44 12.48 15.68
N SER A 606 -42.49 11.66 16.13
CA SER A 606 -41.11 11.63 15.65
C SER A 606 -41.08 11.70 14.12
N GLU A 607 -39.88 11.54 13.55
CA GLU A 607 -39.69 11.61 12.11
C GLU A 607 -40.61 12.73 11.64
N LYS A 608 -40.70 13.75 12.47
CA LYS A 608 -41.51 14.91 12.16
C LYS A 608 -40.74 15.57 11.03
N VAL A 609 -40.68 14.89 9.88
CA VAL A 609 -39.93 15.43 8.76
C VAL A 609 -39.60 14.37 7.72
N LYS A 610 -40.12 14.53 6.51
CA LYS A 610 -39.80 13.62 5.44
C LYS A 610 -39.13 14.45 4.34
N LEU A 611 -38.74 15.67 4.68
CA LEU A 611 -38.07 16.59 3.75
C LEU A 611 -38.19 16.19 2.29
N GLY A 612 -39.04 16.88 1.55
CA GLY A 612 -39.20 16.54 0.14
C GLY A 612 -37.89 16.65 -0.63
N THR A 613 -37.90 16.22 -1.89
CA THR A 613 -36.67 16.29 -2.68
C THR A 613 -36.44 17.75 -3.09
N LYS A 614 -37.47 18.57 -2.89
CA LYS A 614 -37.41 19.98 -3.26
C LYS A 614 -36.64 20.78 -2.26
N ALA A 615 -36.73 20.38 -1.01
CA ALA A 615 -36.00 21.08 0.04
C ALA A 615 -34.61 20.49 0.11
N LEU A 616 -34.51 19.17 -0.06
CA LEU A 616 -33.23 18.46 -0.05
C LEU A 616 -32.29 19.03 -1.15
N ALA A 617 -32.82 19.24 -2.36
CA ALA A 617 -32.03 19.79 -3.46
C ALA A 617 -31.47 21.17 -3.10
N GLY A 618 -32.33 22.05 -2.60
CA GLY A 618 -31.86 23.38 -2.23
C GLY A 618 -30.81 23.34 -1.12
N GLN A 619 -30.84 22.31 -0.29
CA GLN A 619 -29.85 22.23 0.77
C GLN A 619 -28.52 21.98 0.12
N TRP A 620 -28.53 21.08 -0.86
CA TRP A 620 -27.31 20.72 -1.59
C TRP A 620 -26.84 21.82 -2.52
N LEU A 621 -27.77 22.66 -2.98
CA LEU A 621 -27.40 23.77 -3.84
C LEU A 621 -26.86 24.92 -3.02
N ALA A 622 -26.95 24.83 -1.70
CA ALA A 622 -26.48 25.93 -0.87
C ALA A 622 -25.10 25.58 -0.41
N TYR A 623 -24.89 24.30 -0.15
CA TYR A 623 -23.57 23.88 0.21
C TYR A 623 -22.67 24.05 -1.03
N GLY A 624 -23.20 23.69 -2.19
CA GLY A 624 -22.45 23.80 -3.44
C GLY A 624 -22.42 22.57 -4.38
N VAL A 625 -21.68 21.54 -4.01
CA VAL A 625 -21.58 20.31 -4.83
C VAL A 625 -20.78 20.55 -6.08
N THR A 626 -19.51 20.19 -5.96
CA THR A 626 -18.50 20.35 -6.97
C THR A 626 -17.92 18.99 -7.33
N ARG A 627 -16.73 19.01 -7.93
CA ARG A 627 -16.02 17.82 -8.31
C ARG A 627 -15.63 17.13 -6.99
N SER A 628 -15.31 17.95 -6.00
CA SER A 628 -14.91 17.50 -4.64
C SER A 628 -15.94 16.63 -3.91
N VAL A 629 -17.21 17.02 -3.98
CA VAL A 629 -18.26 16.25 -3.34
C VAL A 629 -18.47 14.87 -3.98
N THR A 630 -18.27 14.76 -5.30
CA THR A 630 -18.49 13.50 -6.00
C THR A 630 -17.26 12.61 -6.16
N LYS A 631 -16.06 13.18 -6.10
CA LYS A 631 -14.85 12.37 -6.29
C LYS A 631 -14.66 11.22 -5.32
N ARG A 632 -14.65 11.54 -4.03
CA ARG A 632 -14.42 10.52 -3.01
C ARG A 632 -15.53 9.49 -2.82
N SER A 633 -16.40 9.40 -3.83
CA SER A 633 -17.53 8.49 -3.80
C SER A 633 -17.76 7.87 -5.16
N VAL A 634 -16.80 8.01 -6.07
CA VAL A 634 -16.94 7.45 -7.43
C VAL A 634 -15.71 6.62 -7.75
N MET A 635 -14.67 6.80 -6.94
CA MET A 635 -13.45 6.04 -7.13
C MET A 635 -13.54 4.76 -6.29
N THR A 636 -14.53 4.70 -5.41
CA THR A 636 -14.74 3.52 -4.60
C THR A 636 -15.72 2.64 -5.38
N LEU A 637 -16.14 3.11 -6.55
CA LEU A 637 -17.08 2.37 -7.39
C LEU A 637 -16.55 0.98 -7.76
N ALA A 638 -15.25 0.94 -8.04
CA ALA A 638 -14.56 -0.28 -8.42
C ALA A 638 -14.15 -1.07 -7.19
N TYR A 639 -14.72 -0.71 -6.05
CA TYR A 639 -14.45 -1.40 -4.78
C TYR A 639 -15.75 -2.04 -4.27
N GLY A 640 -16.79 -1.96 -5.08
CA GLY A 640 -18.06 -2.54 -4.71
C GLY A 640 -19.06 -1.57 -4.12
N SER A 641 -18.72 -0.29 -4.04
CA SER A 641 -19.65 0.66 -3.48
C SER A 641 -20.71 1.01 -4.52
N LYS A 642 -21.98 0.90 -4.12
CA LYS A 642 -23.11 1.20 -4.98
C LYS A 642 -23.94 2.29 -4.34
N GLU A 643 -25.19 2.48 -4.78
CA GLU A 643 -25.99 3.56 -4.19
C GLU A 643 -26.08 3.51 -2.67
N PHE A 644 -26.22 2.32 -2.10
CA PHE A 644 -26.33 2.23 -0.65
C PHE A 644 -25.14 2.85 0.10
N GLY A 645 -23.93 2.38 -0.22
CA GLY A 645 -22.73 2.86 0.45
C GLY A 645 -22.23 4.27 0.18
N PHE A 646 -22.80 4.92 -0.83
CA PHE A 646 -22.41 6.28 -1.17
C PHE A 646 -22.89 7.22 -0.08
N ARG A 647 -24.04 6.90 0.53
CA ARG A 647 -24.62 7.78 1.57
C ARG A 647 -23.75 7.89 2.82
N GLN A 648 -23.23 6.77 3.31
CA GLN A 648 -22.39 6.83 4.49
C GLN A 648 -20.97 7.24 4.13
N GLN A 649 -20.81 7.80 2.93
CA GLN A 649 -19.53 8.30 2.43
C GLN A 649 -19.76 9.78 2.27
N VAL A 650 -20.97 10.11 1.83
CA VAL A 650 -21.39 11.49 1.64
C VAL A 650 -21.57 12.10 3.01
N LEU A 651 -22.02 11.29 3.96
CA LEU A 651 -22.23 11.79 5.30
C LEU A 651 -20.94 12.22 5.96
N GLU A 652 -19.93 11.36 6.00
CA GLU A 652 -18.71 11.76 6.68
C GLU A 652 -17.65 12.53 5.89
N ASP A 653 -17.70 12.44 4.56
CA ASP A 653 -16.72 13.15 3.77
C ASP A 653 -17.07 14.61 3.53
N THR A 654 -18.36 14.92 3.39
CA THR A 654 -18.76 16.31 3.13
C THR A 654 -19.73 16.94 4.12
N ILE A 655 -20.78 16.21 4.51
CA ILE A 655 -21.77 16.76 5.45
C ILE A 655 -21.19 16.87 6.85
N GLN A 656 -20.99 15.74 7.49
CA GLN A 656 -20.44 15.71 8.83
C GLN A 656 -19.33 16.75 9.03
N PRO A 657 -18.21 16.64 8.30
CA PRO A 657 -17.15 17.64 8.50
C PRO A 657 -17.54 19.08 8.17
N ALA A 658 -18.69 19.25 7.52
CA ALA A 658 -19.17 20.59 7.16
C ALA A 658 -19.87 21.18 8.37
N ILE A 659 -20.65 20.34 9.04
CA ILE A 659 -21.38 20.69 10.24
C ILE A 659 -20.35 20.98 11.33
N ASP A 660 -19.57 19.95 11.65
CA ASP A 660 -18.55 20.04 12.68
C ASP A 660 -17.57 21.18 12.48
N SER A 661 -17.54 21.77 11.29
CA SER A 661 -16.60 22.86 11.01
C SER A 661 -17.24 24.24 11.05
N GLY A 662 -18.53 24.28 11.32
CA GLY A 662 -19.20 25.56 11.35
C GLY A 662 -20.29 25.62 10.32
N LYS A 663 -19.95 25.50 9.04
CA LYS A 663 -20.97 25.56 7.99
C LYS A 663 -21.83 24.27 8.05
N GLY A 664 -22.55 23.98 6.97
CA GLY A 664 -23.36 22.78 6.94
C GLY A 664 -24.70 22.99 7.61
N LEU A 665 -24.99 24.23 7.95
CA LEU A 665 -26.24 24.52 8.62
C LEU A 665 -27.47 24.35 7.77
N MET A 666 -27.29 24.02 6.50
CA MET A 666 -28.43 23.81 5.63
C MET A 666 -28.90 22.35 5.70
N PHE A 667 -28.09 21.49 6.33
CA PHE A 667 -28.45 20.08 6.43
C PHE A 667 -29.11 19.85 7.76
N THR A 668 -30.35 20.28 7.82
CA THR A 668 -31.18 20.18 9.02
C THR A 668 -31.50 18.72 9.36
N GLN A 669 -31.54 17.88 8.34
CA GLN A 669 -31.79 16.44 8.50
C GLN A 669 -30.66 15.70 7.77
N PRO A 670 -29.42 15.78 8.29
CA PRO A 670 -28.22 15.13 7.72
C PRO A 670 -28.45 13.80 7.03
N ASN A 671 -28.85 12.80 7.79
CA ASN A 671 -29.11 11.49 7.22
C ASN A 671 -29.90 11.55 5.89
N GLN A 672 -30.98 12.33 5.87
CA GLN A 672 -31.83 12.45 4.67
C GLN A 672 -31.12 13.16 3.53
N ALA A 673 -30.21 14.05 3.85
CA ALA A 673 -29.52 14.75 2.78
C ALA A 673 -28.47 13.80 2.17
N ALA A 674 -27.83 13.02 3.04
CA ALA A 674 -26.83 12.06 2.59
C ALA A 674 -27.55 11.02 1.72
N GLY A 675 -28.68 10.53 2.24
CA GLY A 675 -29.43 9.53 1.53
C GLY A 675 -29.85 9.99 0.16
N TYR A 676 -30.09 11.30 0.01
CA TYR A 676 -30.52 11.82 -1.27
C TYR A 676 -29.37 11.98 -2.27
N MET A 677 -28.26 12.55 -1.81
CA MET A 677 -27.12 12.76 -2.69
C MET A 677 -26.65 11.39 -3.17
N ALA A 678 -26.62 10.43 -2.25
CA ALA A 678 -26.18 9.07 -2.58
C ALA A 678 -26.91 8.58 -3.82
N LYS A 679 -28.20 8.83 -3.85
CA LYS A 679 -29.01 8.41 -4.96
C LYS A 679 -28.66 9.16 -6.25
N LEU A 680 -28.44 10.47 -6.16
CA LEU A 680 -28.12 11.26 -7.36
C LEU A 680 -26.80 10.85 -7.97
N ILE A 681 -25.85 10.51 -7.12
CA ILE A 681 -24.55 10.11 -7.63
C ILE A 681 -24.63 8.78 -8.32
N TRP A 682 -25.14 7.77 -7.61
CA TRP A 682 -25.25 6.43 -8.22
C TRP A 682 -26.03 6.56 -9.50
N GLU A 683 -27.08 7.33 -9.43
CA GLU A 683 -27.91 7.56 -10.59
C GLU A 683 -27.03 8.19 -11.71
N SER A 684 -26.22 9.18 -11.37
CA SER A 684 -25.36 9.82 -12.38
C SER A 684 -24.31 8.87 -12.97
N VAL A 685 -23.57 8.18 -12.11
CA VAL A 685 -22.52 7.28 -12.57
C VAL A 685 -23.10 6.17 -13.43
N SER A 686 -24.33 5.76 -13.14
CA SER A 686 -24.94 4.68 -13.90
C SER A 686 -25.22 4.98 -15.39
N VAL A 687 -25.49 6.24 -15.70
CA VAL A 687 -25.78 6.66 -17.05
C VAL A 687 -24.46 7.11 -17.68
N THR A 688 -23.49 7.42 -16.81
CA THR A 688 -22.20 7.90 -17.26
C THR A 688 -21.32 6.78 -17.82
N VAL A 689 -21.10 5.74 -17.02
CA VAL A 689 -20.29 4.60 -17.41
C VAL A 689 -21.09 3.31 -17.33
N VAL A 690 -22.16 3.26 -18.13
CA VAL A 690 -23.03 2.10 -18.17
C VAL A 690 -22.25 0.79 -18.17
N ALA A 691 -21.37 0.64 -19.16
CA ALA A 691 -20.54 -0.56 -19.29
C ALA A 691 -20.03 -1.05 -17.96
N ALA A 692 -19.14 -0.27 -17.35
CA ALA A 692 -18.53 -0.59 -16.05
C ALA A 692 -19.51 -1.17 -15.02
N VAL A 693 -20.74 -0.66 -15.05
CA VAL A 693 -21.77 -1.11 -14.13
C VAL A 693 -22.26 -2.49 -14.54
N GLU A 694 -22.67 -2.62 -15.79
CA GLU A 694 -23.19 -3.88 -16.33
C GLU A 694 -22.20 -5.03 -16.12
N ALA A 695 -20.93 -4.77 -16.36
CA ALA A 695 -19.90 -5.79 -16.17
C ALA A 695 -19.74 -6.13 -14.68
N MET A 696 -19.74 -5.13 -13.81
CA MET A 696 -19.59 -5.45 -12.40
C MET A 696 -20.74 -6.29 -11.88
N ASN A 697 -21.94 -6.05 -12.38
CA ASN A 697 -23.07 -6.84 -11.95
C ASN A 697 -22.97 -8.24 -12.51
N TRP A 698 -22.62 -8.34 -13.79
CA TRP A 698 -22.50 -9.66 -14.40
C TRP A 698 -21.50 -10.45 -13.57
N LEU A 699 -20.42 -9.79 -13.16
CA LEU A 699 -19.41 -10.45 -12.33
C LEU A 699 -19.93 -10.78 -10.93
N LYS A 700 -20.78 -9.91 -10.37
CA LYS A 700 -21.36 -10.14 -9.05
C LYS A 700 -22.25 -11.38 -9.14
N SER A 701 -23.01 -11.46 -10.23
CA SER A 701 -23.92 -12.57 -10.48
C SER A 701 -23.22 -13.91 -10.52
N ALA A 702 -22.13 -13.99 -11.29
CA ALA A 702 -21.41 -15.26 -11.40
C ALA A 702 -20.88 -15.67 -10.04
N ALA A 703 -20.25 -14.72 -9.36
CA ALA A 703 -19.71 -15.01 -8.05
C ALA A 703 -20.79 -15.61 -7.14
N LYS A 704 -21.98 -15.00 -7.14
CA LYS A 704 -23.09 -15.46 -6.32
C LYS A 704 -23.41 -16.95 -6.49
N LEU A 705 -23.44 -17.41 -7.73
CA LEU A 705 -23.75 -18.80 -8.01
C LEU A 705 -22.61 -19.76 -7.65
N LEU A 706 -21.38 -19.41 -8.00
CA LEU A 706 -20.26 -20.26 -7.64
C LEU A 706 -20.06 -20.35 -6.12
N ALA A 707 -20.50 -19.31 -5.41
CA ALA A 707 -20.39 -19.26 -3.97
C ALA A 707 -21.48 -20.14 -3.36
N ALA A 708 -22.72 -19.91 -3.78
CA ALA A 708 -23.90 -20.64 -3.29
C ALA A 708 -23.74 -22.16 -3.20
N GLU A 709 -24.59 -22.79 -2.38
CA GLU A 709 -24.54 -24.25 -2.17
C GLU A 709 -25.68 -24.98 -2.92
N VAL A 710 -25.33 -26.10 -3.57
CA VAL A 710 -26.26 -26.93 -4.34
C VAL A 710 -27.33 -27.63 -3.46
N LYS A 711 -28.40 -26.91 -3.14
CA LYS A 711 -29.42 -27.46 -2.25
C LYS A 711 -30.49 -28.41 -2.83
N ASP A 712 -31.75 -28.04 -2.56
CA ASP A 712 -32.99 -28.73 -2.96
C ASP A 712 -33.94 -28.93 -1.79
N LYS A 713 -35.20 -29.21 -2.11
CA LYS A 713 -36.21 -29.49 -1.08
C LYS A 713 -35.68 -30.71 -0.34
N LYS A 714 -36.18 -30.92 0.87
CA LYS A 714 -35.75 -32.03 1.69
C LYS A 714 -35.02 -33.07 0.85
N THR A 715 -33.76 -33.24 1.23
CA THR A 715 -32.73 -34.10 0.64
C THR A 715 -31.72 -32.99 0.41
N GLY A 716 -31.59 -32.16 1.44
CA GLY A 716 -30.68 -31.05 1.38
C GLY A 716 -29.32 -31.54 0.97
N GLU A 717 -29.23 -32.69 0.31
CA GLU A 717 -27.95 -33.21 -0.12
C GLU A 717 -27.22 -32.16 -0.96
N ILE A 718 -25.91 -32.32 -1.00
CA ILE A 718 -25.04 -31.41 -1.69
C ILE A 718 -24.32 -31.97 -2.92
N LEU A 719 -24.87 -31.68 -4.09
CA LEU A 719 -24.27 -32.11 -5.35
C LEU A 719 -22.92 -31.35 -5.50
N ARG A 720 -22.99 -30.02 -5.50
CA ARG A 720 -21.82 -29.14 -5.61
C ARG A 720 -21.72 -28.17 -4.43
N LYS A 721 -20.72 -28.38 -3.57
CA LYS A 721 -20.50 -27.50 -2.43
C LYS A 721 -20.23 -26.08 -2.93
N ARG A 722 -19.67 -25.23 -2.07
CA ARG A 722 -19.37 -23.84 -2.43
C ARG A 722 -18.02 -23.82 -3.11
N CYS A 723 -17.95 -23.13 -4.26
CA CYS A 723 -16.70 -23.07 -5.03
C CYS A 723 -15.99 -21.71 -5.04
N ALA A 724 -14.68 -21.75 -5.26
CA ALA A 724 -13.85 -20.55 -5.34
C ALA A 724 -13.92 -19.98 -6.77
N VAL A 725 -13.60 -18.70 -6.93
CA VAL A 725 -13.66 -18.11 -8.25
C VAL A 725 -12.26 -18.11 -8.80
N HIS A 726 -12.07 -18.76 -9.94
CA HIS A 726 -10.76 -18.85 -10.56
C HIS A 726 -10.81 -18.23 -11.93
N TRP A 727 -9.68 -17.69 -12.35
CA TRP A 727 -9.57 -17.10 -13.68
C TRP A 727 -8.10 -16.88 -13.94
N VAL A 728 -7.73 -16.67 -15.18
CA VAL A 728 -6.33 -16.43 -15.47
C VAL A 728 -6.19 -15.11 -16.21
N THR A 729 -5.17 -14.34 -15.85
CA THR A 729 -4.99 -13.06 -16.49
C THR A 729 -4.39 -13.22 -17.90
N PRO A 730 -4.45 -12.17 -18.72
CA PRO A 730 -3.90 -12.26 -20.07
C PRO A 730 -2.45 -12.70 -20.19
N ASP A 731 -1.60 -12.30 -19.24
CA ASP A 731 -0.21 -12.72 -19.34
C ASP A 731 0.10 -14.04 -18.67
N GLY A 732 -0.95 -14.76 -18.26
CA GLY A 732 -0.76 -16.05 -17.61
C GLY A 732 -0.86 -16.13 -16.08
N PHE A 733 -0.98 -15.00 -15.37
CA PHE A 733 -1.08 -15.09 -13.91
C PHE A 733 -2.42 -15.67 -13.50
N PRO A 734 -2.41 -16.87 -12.93
CA PRO A 734 -3.66 -17.49 -12.49
C PRO A 734 -4.06 -16.94 -11.14
N VAL A 735 -5.34 -16.64 -10.96
CA VAL A 735 -5.76 -16.13 -9.65
C VAL A 735 -6.97 -16.87 -9.11
N TRP A 736 -6.96 -17.09 -7.79
CA TRP A 736 -8.02 -17.79 -7.04
C TRP A 736 -8.64 -17.01 -5.88
N GLN A 737 -9.88 -16.57 -6.02
CA GLN A 737 -10.54 -15.85 -4.94
C GLN A 737 -11.22 -16.91 -4.02
N GLU A 738 -10.81 -16.99 -2.75
CA GLU A 738 -11.38 -17.96 -1.79
C GLU A 738 -11.62 -17.38 -0.36
N TYR A 739 -12.54 -16.43 -0.24
CA TYR A 739 -12.82 -15.86 1.06
C TYR A 739 -13.41 -16.95 1.95
N LYS A 740 -13.06 -16.95 3.23
CA LYS A 740 -13.57 -17.97 4.14
C LYS A 740 -13.81 -17.38 5.51
N LYS A 741 -14.74 -17.96 6.23
CA LYS A 741 -15.03 -17.47 7.56
C LYS A 741 -13.98 -18.10 8.48
N PRO A 742 -13.26 -17.26 9.23
CA PRO A 742 -12.23 -17.78 10.15
C PRO A 742 -12.82 -18.30 11.47
N ILE A 743 -12.26 -19.39 11.97
CA ILE A 743 -12.71 -19.92 13.24
C ILE A 743 -12.01 -19.05 14.30
N GLN A 744 -12.78 -18.32 15.10
CA GLN A 744 -12.17 -17.48 16.12
C GLN A 744 -12.05 -18.18 17.45
N THR A 745 -11.45 -17.46 18.39
CA THR A 745 -11.23 -17.91 19.75
C THR A 745 -10.66 -16.72 20.53
N ARG A 746 -10.56 -16.83 21.84
CA ARG A 746 -10.02 -15.75 22.65
C ARG A 746 -8.95 -16.33 23.55
N LEU A 747 -7.83 -15.65 23.69
CA LEU A 747 -6.79 -16.14 24.57
C LEU A 747 -7.06 -15.49 25.95
N ASN A 748 -6.46 -16.05 27.00
CA ASN A 748 -6.63 -15.55 28.37
C ASN A 748 -5.24 -15.25 28.88
N LEU A 749 -4.89 -13.96 28.92
CA LEU A 749 -3.55 -13.56 29.33
C LEU A 749 -3.47 -12.52 30.44
N MET A 750 -2.87 -12.93 31.56
CA MET A 750 -2.68 -12.05 32.70
C MET A 750 -1.64 -11.08 32.21
N PHE A 751 -2.03 -9.84 32.04
CA PHE A 751 -1.14 -8.81 31.56
C PHE A 751 -0.48 -7.93 32.63
N LEU A 752 0.85 -7.87 32.65
CA LEU A 752 1.51 -7.01 33.62
C LEU A 752 1.04 -7.22 35.05
N GLY A 753 0.51 -8.40 35.34
CA GLY A 753 0.00 -8.69 36.68
C GLY A 753 -1.05 -7.69 37.14
N GLN A 754 -1.70 -7.05 36.18
CA GLN A 754 -2.71 -6.04 36.47
C GLN A 754 -4.11 -6.52 36.12
N PHE A 755 -4.27 -7.09 34.94
CA PHE A 755 -5.57 -7.54 34.53
C PHE A 755 -5.45 -8.65 33.51
N ARG A 756 -6.57 -9.24 33.13
CA ARG A 756 -6.55 -10.31 32.16
C ARG A 756 -6.92 -9.87 30.76
N LEU A 757 -5.89 -9.68 29.94
CA LEU A 757 -6.08 -9.28 28.54
C LEU A 757 -6.65 -10.48 27.81
N GLN A 758 -7.82 -10.36 27.20
CA GLN A 758 -8.36 -11.51 26.50
C GLN A 758 -8.72 -11.25 25.04
N PRO A 759 -7.72 -11.21 24.18
CA PRO A 759 -7.90 -10.97 22.77
C PRO A 759 -8.68 -11.99 21.95
N THR A 760 -9.53 -11.46 21.08
CA THR A 760 -10.31 -12.27 20.17
C THR A 760 -9.39 -12.32 18.98
N ILE A 761 -9.20 -13.51 18.39
CA ILE A 761 -8.30 -13.63 17.25
C ILE A 761 -8.72 -14.66 16.21
N ASN A 762 -8.53 -14.33 14.94
CA ASN A 762 -8.83 -15.28 13.87
C ASN A 762 -7.74 -16.32 13.96
N THR A 763 -8.14 -17.57 13.83
CA THR A 763 -7.27 -18.71 13.92
C THR A 763 -6.75 -19.12 12.53
N ASN A 764 -5.69 -19.92 12.51
CA ASN A 764 -5.14 -20.38 11.23
C ASN A 764 -6.07 -21.35 10.52
N LYS A 765 -7.10 -21.79 11.23
CA LYS A 765 -8.10 -22.71 10.72
C LYS A 765 -9.32 -21.95 10.17
N ASP A 766 -9.85 -22.42 9.03
CA ASP A 766 -11.00 -21.79 8.40
C ASP A 766 -12.15 -22.75 8.34
N SER A 767 -13.37 -22.23 8.24
CA SER A 767 -14.54 -23.08 8.16
C SER A 767 -15.11 -23.13 6.74
N GLU A 768 -16.23 -22.46 6.52
CA GLU A 768 -16.86 -22.47 5.21
C GLU A 768 -16.44 -21.24 4.40
N ILE A 769 -16.83 -21.22 3.12
CA ILE A 769 -16.52 -20.09 2.25
C ILE A 769 -17.47 -18.94 2.57
N ASP A 770 -16.97 -17.71 2.57
CA ASP A 770 -17.81 -16.55 2.85
C ASP A 770 -18.46 -16.07 1.58
N ALA A 771 -19.70 -16.47 1.37
CA ALA A 771 -20.43 -16.08 0.16
C ALA A 771 -20.73 -14.58 -0.02
N HIS A 772 -20.77 -13.81 1.06
CA HIS A 772 -21.06 -12.39 0.92
C HIS A 772 -19.83 -11.67 0.41
N LYS A 773 -18.72 -11.82 1.14
CA LYS A 773 -17.45 -11.22 0.77
C LYS A 773 -17.04 -11.77 -0.59
N GLN A 774 -17.46 -12.99 -0.89
CA GLN A 774 -17.10 -13.60 -2.15
C GLN A 774 -17.76 -12.87 -3.29
N GLU A 775 -18.94 -12.31 -3.03
CA GLU A 775 -19.70 -11.60 -4.05
C GLU A 775 -19.25 -10.15 -4.13
N SER A 776 -18.96 -9.57 -2.99
CA SER A 776 -18.53 -8.18 -2.93
C SER A 776 -17.10 -8.00 -3.47
N GLY A 777 -16.27 -9.03 -3.32
CA GLY A 777 -14.91 -8.92 -3.77
C GLY A 777 -14.57 -9.28 -5.22
N ILE A 778 -15.54 -9.75 -6.00
CA ILE A 778 -15.24 -10.14 -7.38
C ILE A 778 -14.92 -9.03 -8.42
N ALA A 779 -15.82 -8.08 -8.62
CA ALA A 779 -15.56 -7.02 -9.58
C ALA A 779 -14.28 -6.26 -9.25
N PRO A 780 -14.15 -5.74 -8.03
CA PRO A 780 -12.90 -5.02 -7.78
C PRO A 780 -11.62 -5.85 -7.99
N ASN A 781 -11.66 -7.13 -7.63
CA ASN A 781 -10.50 -8.00 -7.73
C ASN A 781 -10.16 -8.43 -9.18
N PHE A 782 -11.17 -8.47 -10.03
CA PHE A 782 -10.97 -8.83 -11.42
C PHE A 782 -10.25 -7.69 -12.17
N VAL A 783 -10.70 -6.43 -12.01
CA VAL A 783 -10.02 -5.32 -12.70
C VAL A 783 -8.63 -5.18 -12.17
N HIS A 784 -8.49 -5.22 -10.86
CA HIS A 784 -7.16 -5.09 -10.32
C HIS A 784 -6.18 -6.07 -10.95
N SER A 785 -6.55 -7.35 -10.96
CA SER A 785 -5.70 -8.39 -11.53
C SER A 785 -5.44 -8.11 -13.01
N GLN A 786 -6.48 -7.62 -13.68
CA GLN A 786 -6.44 -7.29 -15.09
C GLN A 786 -5.53 -6.10 -15.46
N ASP A 787 -5.30 -5.17 -14.54
CA ASP A 787 -4.44 -4.04 -14.86
C ASP A 787 -3.14 -4.38 -14.27
N GLY A 788 -3.12 -5.55 -13.63
CA GLY A 788 -1.92 -6.00 -12.98
C GLY A 788 -1.04 -6.60 -14.05
N SER A 789 -1.65 -7.42 -14.90
CA SER A 789 -0.94 -8.07 -16.00
C SER A 789 -0.74 -7.02 -17.07
N HIS A 790 -1.61 -6.01 -17.14
CA HIS A 790 -1.35 -4.96 -18.11
C HIS A 790 0.01 -4.44 -17.73
N LEU A 791 0.14 -4.02 -16.46
CA LEU A 791 1.40 -3.49 -16.02
C LEU A 791 2.58 -4.43 -16.30
N ARG A 792 2.36 -5.74 -16.20
CA ARG A 792 3.45 -6.64 -16.41
C ARG A 792 3.80 -6.71 -17.90
N LYS A 793 2.79 -6.85 -18.75
CA LYS A 793 3.01 -6.92 -20.19
C LYS A 793 3.71 -5.66 -20.66
N THR A 794 3.44 -4.54 -19.99
CA THR A 794 4.05 -3.28 -20.36
C THR A 794 5.51 -3.23 -20.01
N VAL A 795 5.86 -3.76 -18.86
CA VAL A 795 7.25 -3.77 -18.44
C VAL A 795 8.04 -4.63 -19.44
N VAL A 796 7.52 -5.82 -19.75
CA VAL A 796 8.18 -6.73 -20.68
C VAL A 796 8.37 -6.08 -22.06
N TRP A 797 7.29 -5.54 -22.62
CA TRP A 797 7.30 -4.92 -23.93
C TRP A 797 8.18 -3.69 -24.02
N ALA A 798 8.18 -2.87 -22.99
CA ALA A 798 9.00 -1.66 -23.03
C ALA A 798 10.48 -2.00 -22.97
N HIS A 799 10.78 -3.19 -22.49
CA HIS A 799 12.16 -3.61 -22.31
C HIS A 799 12.66 -4.35 -23.56
N GLU A 800 11.75 -5.04 -24.22
CA GLU A 800 12.11 -5.77 -25.39
C GLU A 800 12.00 -4.95 -26.66
N LYS A 801 10.83 -4.38 -26.93
CA LYS A 801 10.70 -3.61 -28.17
C LYS A 801 11.47 -2.31 -28.14
N TYR A 802 11.55 -1.66 -26.99
CA TYR A 802 12.31 -0.42 -26.90
C TYR A 802 13.43 -0.84 -25.97
N GLY A 803 14.31 0.05 -25.58
CA GLY A 803 15.35 -0.47 -24.71
C GLY A 803 15.26 -0.10 -23.25
N ILE A 804 14.06 0.17 -22.75
CA ILE A 804 13.91 0.59 -21.35
C ILE A 804 14.41 -0.42 -20.33
N GLU A 805 15.33 0.03 -19.47
CA GLU A 805 15.92 -0.82 -18.44
C GLU A 805 15.42 -0.47 -17.03
N SER A 806 15.20 0.82 -16.80
CA SER A 806 14.77 1.32 -15.50
C SER A 806 13.26 1.61 -15.47
N PHE A 807 12.58 1.10 -14.44
CA PHE A 807 11.13 1.33 -14.32
C PHE A 807 10.64 1.81 -12.94
N ALA A 808 9.75 2.80 -12.94
CA ALA A 808 9.13 3.34 -11.72
C ALA A 808 7.68 2.88 -11.83
N LEU A 809 7.31 1.85 -11.07
CA LEU A 809 5.96 1.28 -11.12
C LEU A 809 5.08 1.45 -9.88
N ILE A 810 3.85 1.87 -10.09
CA ILE A 810 2.92 2.04 -8.99
C ILE A 810 1.51 1.68 -9.43
N HIS A 811 1.32 0.39 -9.71
CA HIS A 811 0.05 -0.16 -10.13
C HIS A 811 -0.58 0.36 -11.44
N ASP A 812 -0.67 1.68 -11.59
CA ASP A 812 -1.27 2.34 -12.78
C ASP A 812 -0.60 3.66 -13.09
N SER A 813 0.65 3.77 -12.63
CA SER A 813 1.49 4.92 -12.86
C SER A 813 2.73 4.17 -13.38
N PHE A 814 3.32 4.66 -14.47
CA PHE A 814 4.48 4.02 -15.13
C PHE A 814 5.55 5.04 -15.45
N GLY A 815 6.75 4.86 -14.93
CA GLY A 815 7.75 5.87 -15.23
C GLY A 815 9.14 5.38 -15.57
N THR A 816 9.94 6.29 -16.13
CA THR A 816 11.33 6.05 -16.51
C THR A 816 12.05 7.37 -16.59
N ILE A 817 13.33 7.29 -16.93
CA ILE A 817 14.20 8.45 -17.11
C ILE A 817 13.57 9.18 -18.28
N PRO A 818 13.82 10.49 -18.43
CA PRO A 818 13.23 11.27 -19.55
C PRO A 818 13.63 10.83 -20.99
N ALA A 819 14.87 10.40 -21.20
CA ALA A 819 15.26 9.98 -22.55
C ALA A 819 14.47 8.76 -23.05
N ASP A 820 13.80 8.05 -22.14
CA ASP A 820 13.01 6.87 -22.49
C ASP A 820 11.52 7.07 -22.35
N ALA A 821 11.12 8.26 -21.95
CA ALA A 821 9.71 8.55 -21.72
C ALA A 821 8.85 8.36 -22.94
N ALA A 822 9.27 8.98 -24.03
CA ALA A 822 8.51 8.89 -25.28
C ALA A 822 8.15 7.46 -25.71
N ASN A 823 9.05 6.52 -25.47
CA ASN A 823 8.77 5.16 -25.84
C ASN A 823 7.87 4.48 -24.82
N LEU A 824 8.05 4.81 -23.54
CA LEU A 824 7.21 4.23 -22.49
C LEU A 824 5.76 4.68 -22.71
N PHE A 825 5.60 5.95 -23.06
CA PHE A 825 4.30 6.54 -23.32
C PHE A 825 3.57 5.83 -24.42
N LYS A 826 4.35 5.35 -25.38
CA LYS A 826 3.85 4.65 -26.55
C LYS A 826 3.61 3.21 -26.18
N ALA A 827 4.49 2.67 -25.36
CA ALA A 827 4.39 1.28 -24.95
C ALA A 827 3.15 0.94 -24.12
N VAL A 828 2.71 1.81 -23.20
CA VAL A 828 1.49 1.52 -22.43
C VAL A 828 0.28 1.45 -23.33
N ARG A 829 0.16 2.43 -24.23
CA ARG A 829 -0.97 2.47 -25.17
C ARG A 829 -0.98 1.18 -25.99
N GLU A 830 0.17 0.89 -26.59
CA GLU A 830 0.35 -0.27 -27.44
C GLU A 830 -0.05 -1.57 -26.74
N THR A 831 0.52 -1.77 -25.58
CA THR A 831 0.26 -2.97 -24.81
C THR A 831 -1.24 -3.13 -24.42
N MET A 832 -1.88 -2.07 -23.95
CA MET A 832 -3.30 -2.16 -23.61
C MET A 832 -4.11 -2.50 -24.87
N VAL A 833 -3.96 -1.70 -25.93
CA VAL A 833 -4.68 -1.98 -27.19
C VAL A 833 -4.52 -3.45 -27.56
N ASP A 834 -3.29 -3.92 -27.50
CA ASP A 834 -3.00 -5.30 -27.83
C ASP A 834 -3.78 -6.34 -26.98
N THR A 835 -3.58 -6.34 -25.67
CA THR A 835 -4.28 -7.29 -24.82
C THR A 835 -5.78 -7.34 -25.03
N TYR A 836 -6.43 -6.20 -25.29
CA TYR A 836 -7.87 -6.24 -25.43
C TYR A 836 -8.43 -6.54 -26.80
N GLU A 837 -7.56 -6.62 -27.80
CA GLU A 837 -7.99 -6.97 -29.14
C GLU A 837 -7.84 -8.50 -29.27
N SER A 838 -6.90 -9.05 -28.52
CA SER A 838 -6.59 -10.48 -28.56
C SER A 838 -7.25 -11.29 -27.48
N CYS A 839 -7.73 -10.65 -26.44
CA CYS A 839 -8.35 -11.38 -25.33
C CYS A 839 -9.69 -10.81 -24.95
N ASP A 840 -10.67 -11.68 -24.84
CA ASP A 840 -12.00 -11.29 -24.41
C ASP A 840 -12.00 -11.84 -22.98
N VAL A 841 -11.50 -11.04 -22.05
CA VAL A 841 -11.39 -11.46 -20.64
C VAL A 841 -12.66 -11.96 -19.94
N LEU A 842 -13.83 -11.43 -20.30
CA LEU A 842 -15.08 -11.90 -19.70
C LEU A 842 -15.44 -13.25 -20.32
N ALA A 843 -15.48 -13.26 -21.64
CA ALA A 843 -15.78 -14.47 -22.38
C ALA A 843 -14.82 -15.58 -21.92
N ASP A 844 -13.56 -15.22 -21.72
CA ASP A 844 -12.56 -16.16 -21.27
C ASP A 844 -12.85 -16.57 -19.85
N PHE A 845 -13.44 -15.65 -19.11
CA PHE A 845 -13.79 -15.90 -17.72
C PHE A 845 -14.92 -16.92 -17.70
N TYR A 846 -15.92 -16.71 -18.55
CA TYR A 846 -17.06 -17.60 -18.61
C TYR A 846 -16.61 -19.03 -18.91
N ASP A 847 -15.61 -19.18 -19.76
CA ASP A 847 -15.13 -20.50 -20.12
C ASP A 847 -14.33 -21.16 -19.00
N GLN A 848 -14.36 -20.54 -17.83
CA GLN A 848 -13.63 -21.07 -16.68
C GLN A 848 -14.62 -21.61 -15.67
N PHE A 849 -15.63 -20.80 -15.35
CA PHE A 849 -16.63 -21.21 -14.38
C PHE A 849 -17.85 -21.83 -15.05
N ALA A 850 -17.65 -22.45 -16.21
CA ALA A 850 -18.76 -23.07 -16.92
C ALA A 850 -18.90 -24.52 -16.48
N ASP A 851 -17.91 -25.31 -16.86
CA ASP A 851 -17.85 -26.73 -16.54
C ASP A 851 -17.32 -26.88 -15.10
N GLN A 852 -16.48 -25.94 -14.68
CA GLN A 852 -15.92 -25.96 -13.34
C GLN A 852 -16.95 -25.54 -12.29
N LEU A 853 -18.05 -24.95 -12.75
CA LEU A 853 -19.05 -24.50 -11.82
C LEU A 853 -20.43 -24.76 -12.34
N HIS A 854 -21.41 -24.44 -11.50
CA HIS A 854 -22.79 -24.63 -11.86
C HIS A 854 -22.97 -26.13 -12.07
N GLU A 855 -24.21 -26.62 -12.00
CA GLU A 855 -24.45 -28.05 -12.17
C GLU A 855 -25.82 -28.24 -12.80
N SER A 856 -26.83 -28.11 -11.95
CA SER A 856 -28.20 -28.23 -12.39
C SER A 856 -28.60 -26.87 -12.92
N GLN A 857 -29.48 -26.21 -12.19
CA GLN A 857 -29.99 -24.92 -12.58
C GLN A 857 -29.16 -24.22 -13.66
N LEU A 858 -28.12 -23.47 -13.27
CA LEU A 858 -27.27 -22.75 -14.26
C LEU A 858 -28.01 -21.78 -15.23
N ASP A 859 -28.85 -20.91 -14.69
CA ASP A 859 -29.57 -19.98 -15.56
C ASP A 859 -30.03 -18.82 -14.71
N LYS A 860 -30.58 -17.80 -15.38
CA LYS A 860 -31.05 -16.59 -14.72
C LYS A 860 -29.87 -15.67 -14.31
N MET A 861 -28.63 -16.12 -14.53
CA MET A 861 -27.44 -15.33 -14.23
C MET A 861 -26.78 -14.70 -15.47
N PRO A 862 -26.20 -15.55 -16.36
CA PRO A 862 -25.48 -15.22 -17.60
C PRO A 862 -25.86 -13.96 -18.38
N ALA A 863 -25.59 -14.01 -19.69
CA ALA A 863 -25.87 -12.91 -20.63
C ALA A 863 -24.71 -11.92 -20.59
N LEU A 864 -23.62 -12.24 -21.32
CA LEU A 864 -22.44 -11.38 -21.37
C LEU A 864 -22.87 -10.00 -21.83
N PRO A 865 -22.44 -8.95 -21.14
CA PRO A 865 -22.84 -7.61 -21.59
C PRO A 865 -22.40 -7.37 -23.03
N ALA A 866 -23.13 -6.48 -23.71
CA ALA A 866 -22.87 -6.16 -25.11
C ALA A 866 -21.60 -5.35 -25.36
N LYS A 867 -20.83 -5.79 -26.37
CA LYS A 867 -19.60 -5.11 -26.77
C LYS A 867 -20.04 -3.84 -27.51
N GLY A 868 -19.47 -2.67 -27.16
CA GLY A 868 -19.84 -1.43 -27.81
C GLY A 868 -19.03 -1.06 -29.07
N ASN A 869 -19.15 0.18 -29.51
CA ASN A 869 -18.46 0.68 -30.70
C ASN A 869 -17.12 1.37 -30.50
N LEU A 870 -16.48 1.15 -29.35
CA LEU A 870 -15.20 1.80 -29.13
C LEU A 870 -14.17 1.12 -30.01
N ASN A 871 -13.24 1.89 -30.55
CA ASN A 871 -12.19 1.32 -31.38
C ASN A 871 -10.87 1.42 -30.64
N LEU A 872 -10.49 0.32 -30.01
CA LEU A 872 -9.27 0.27 -29.21
C LEU A 872 -8.06 0.99 -29.81
N ARG A 873 -8.04 1.09 -31.13
CA ARG A 873 -6.96 1.73 -31.87
C ARG A 873 -6.85 3.21 -31.55
N ASP A 874 -7.99 3.82 -31.26
CA ASP A 874 -8.03 5.23 -30.94
C ASP A 874 -7.23 5.50 -29.66
N ILE A 875 -6.99 4.46 -28.87
CA ILE A 875 -6.22 4.64 -27.64
C ILE A 875 -4.78 5.04 -27.98
N LEU A 876 -4.20 4.42 -29.01
CA LEU A 876 -2.84 4.72 -29.41
C LEU A 876 -2.66 6.23 -29.58
N GLU A 877 -3.66 6.87 -30.16
CA GLU A 877 -3.62 8.32 -30.39
C GLU A 877 -4.26 9.14 -29.25
N SER A 878 -4.49 8.54 -28.09
CA SER A 878 -5.10 9.31 -27.01
C SER A 878 -4.06 9.98 -26.13
N ASP A 879 -4.08 11.31 -26.08
CA ASP A 879 -3.11 12.07 -25.30
C ASP A 879 -3.15 11.92 -23.77
N PHE A 880 -4.34 11.83 -23.20
CA PHE A 880 -4.49 11.81 -21.74
C PHE A 880 -4.79 10.47 -21.07
N ALA A 881 -4.84 9.44 -21.88
CA ALA A 881 -5.12 8.13 -21.35
C ALA A 881 -3.82 7.40 -21.05
N PHE A 882 -2.89 7.94 -20.26
CA PHE A 882 -1.68 7.13 -20.04
C PHE A 882 -2.24 5.82 -19.49
N ALA A 883 -1.41 4.79 -19.32
CA ALA A 883 -1.89 3.50 -18.79
C ALA A 883 -3.03 2.96 -19.62
PG GTP C 1 -3.80 11.24 3.23
O1G GTP C 1 -3.92 9.72 3.01
O2G GTP C 1 -4.69 12.01 2.07
O3G GTP C 1 -2.31 11.85 3.03
O3B GTP C 1 -5.12 10.91 4.10
PB GTP C 1 -5.21 9.77 5.36
O1B GTP C 1 -5.82 10.55 6.53
O2B GTP C 1 -6.15 9.15 4.27
O3A GTP C 1 -3.96 9.26 5.09
PA GTP C 1 -3.08 8.47 5.36
O1A GTP C 1 -3.73 7.55 4.32
O2A GTP C 1 -3.54 8.17 6.80
O5' GTP C 1 -1.51 8.02 5.31
C5' GTP C 1 -0.52 8.82 4.64
C4' GTP C 1 0.59 7.96 4.05
O4' GTP C 1 0.78 6.73 4.83
C3' GTP C 1 0.30 7.44 2.65
O3' GTP C 1 0.52 8.46 1.66
C2' GTP C 1 1.23 6.22 2.55
O2' GTP C 1 2.58 6.51 2.25
C1' GTP C 1 1.14 5.65 3.96
N9 GTP C 1 0.13 4.57 4.06
C8 GTP C 1 -1.04 4.60 4.79
N7 GTP C 1 -1.75 3.51 4.66
C5 GTP C 1 -0.99 2.72 3.80
C6 GTP C 1 -1.27 1.41 3.30
O6 GTP C 1 -2.24 0.70 3.54
N1 GTP C 1 -0.26 0.97 2.45
C2 GTP C 1 0.86 1.67 2.12
N2 GTP C 1 1.72 1.06 1.28
N3 GTP C 1 1.13 2.90 2.58
C4 GTP C 1 0.15 3.35 3.41
#